data_8I94
#
_entry.id   8I94
#
_cell.length_a   55.975
_cell.length_b   75.226
_cell.length_c   119.743
_cell.angle_alpha   90.000
_cell.angle_beta   96.497
_cell.angle_gamma   90.000
#
_symmetry.space_group_name_H-M   'P 1 21 1'
#
loop_
_entity.id
_entity.type
_entity.pdbx_description
1 polymer Glycosyltransferase
2 non-polymer 2-(3,4-dihydroxyphenyl)-5,7-dihydroxy-4H-chromen-4-one
3 non-polymer 'SULFATE ION'
4 water water
#
_entity_poly.entity_id   1
_entity_poly.type   'polypeptide(L)'
_entity_poly.pdbx_seq_one_letter_code
;SFTSSGMECKNPDSLHVFLVSAPGQGNVTPMLRLAKSLASKGLLVTFSTPESYGKEMRKTNDDISDQPILIGEGSIRFEF
LDDEWDENEHKGEGLDAYATHLERVGKQNLPRMFKKHEEEGRPISCIINNPFIPWVPEVAESLGIPSALLWVQSCASFSS
YYHFFNDLVSFPTESNLKKDVCLPSMPMLKYDEVPLLLYPIVPLPIISLKNAMLRQQKNLSKTFCVLVDTFQQLEDELIH
YLSKLCPIRPIGPLFKISDTSSSNISGDIRKADDCIEWLDSKSPSSVVYISFGSIVHLKQEQITEIAYALMNINISFLWV
MKPPQKDSYDKQHVLPQGFLEKVGEKGKVVKWSPQEQVLSHQSLACFVTHCGWNSSMEALANGIRVVTLPQWGDQVTNAK
FLVDVFGVGVRLSRGDLEDRIIPREEIELRLLEVTSGEKATEMKHNALRWKKAAEEAVAKDGSSSKNLQEFVDELNNFRF
IT
;
_entity_poly.pdbx_strand_id   A,B
#
loop_
_chem_comp.id
_chem_comp.type
_chem_comp.name
_chem_comp.formula
LU2 non-polymer 2-(3,4-dihydroxyphenyl)-5,7-dihydroxy-4H-chromen-4-one 'C15 H10 O6'
SO4 non-polymer 'SULFATE ION' 'O4 S -2'
#
# COMPACT_ATOMS: atom_id res chain seq x y z
N LEU A 15 -33.66 16.75 0.01
CA LEU A 15 -32.79 17.61 -0.78
C LEU A 15 -31.77 16.80 -1.57
N HIS A 16 -31.34 17.35 -2.71
CA HIS A 16 -30.29 16.74 -3.51
C HIS A 16 -29.39 17.84 -4.04
N VAL A 17 -28.13 17.86 -3.58
CA VAL A 17 -27.17 18.88 -3.99
C VAL A 17 -26.04 18.19 -4.75
N PHE A 18 -25.47 18.91 -5.72
CA PHE A 18 -24.49 18.37 -6.66
C PHE A 18 -23.14 19.02 -6.36
N LEU A 19 -22.18 18.20 -5.95
CA LEU A 19 -20.86 18.69 -5.55
C LEU A 19 -19.85 18.34 -6.65
N VAL A 20 -19.34 19.36 -7.33
CA VAL A 20 -18.45 19.20 -8.48
C VAL A 20 -17.09 19.78 -8.12
N SER A 21 -16.04 19.00 -8.35
CA SER A 21 -14.70 19.33 -7.88
C SER A 21 -13.68 19.07 -8.98
N ALA A 22 -12.64 19.89 -8.98
CA ALA A 22 -11.59 19.80 -9.98
C ALA A 22 -10.64 18.64 -9.65
N PRO A 23 -9.90 18.16 -10.64
CA PRO A 23 -8.87 17.14 -10.37
C PRO A 23 -7.92 17.60 -9.28
N GLY A 24 -7.41 16.63 -8.52
CA GLY A 24 -6.45 16.95 -7.48
C GLY A 24 -6.84 16.48 -6.10
N GLN A 25 -5.85 16.00 -5.35
CA GLN A 25 -6.10 15.61 -3.97
C GLN A 25 -6.57 16.80 -3.13
N GLY A 26 -5.88 17.94 -3.28
CA GLY A 26 -6.18 19.11 -2.45
C GLY A 26 -7.52 19.75 -2.74
N ASN A 27 -8.13 19.46 -3.88
CA ASN A 27 -9.46 19.98 -4.17
C ASN A 27 -10.54 19.01 -3.73
N VAL A 28 -10.32 17.71 -3.97
CA VAL A 28 -11.37 16.72 -3.82
C VAL A 28 -11.67 16.45 -2.35
N THR A 29 -10.61 16.28 -1.54
CA THR A 29 -10.70 16.03 -0.10
C THR A 29 -11.64 17.00 0.62
N PRO A 30 -11.44 18.32 0.53
CA PRO A 30 -12.35 19.22 1.23
C PRO A 30 -13.78 19.16 0.71
N MET A 31 -13.95 19.05 -0.61
CA MET A 31 -15.29 18.93 -1.14
C MET A 31 -15.94 17.64 -0.68
N LEU A 32 -15.17 16.55 -0.61
CA LEU A 32 -15.66 15.32 0.01
C LEU A 32 -16.12 15.57 1.43
N ARG A 33 -15.32 16.33 2.18
CA ARG A 33 -15.67 16.58 3.57
C ARG A 33 -16.92 17.44 3.67
N LEU A 34 -17.05 18.44 2.79
CA LEU A 34 -18.33 19.12 2.67
C LEU A 34 -19.43 18.16 2.24
N ALA A 35 -19.10 17.08 1.53
CA ALA A 35 -20.14 16.13 1.14
C ALA A 35 -20.58 15.26 2.30
N LYS A 36 -19.63 14.65 3.02
CA LYS A 36 -19.97 13.85 4.20
C LYS A 36 -20.73 14.65 5.24
N SER A 37 -20.66 15.98 5.19
CA SER A 37 -21.33 16.86 6.15
C SER A 37 -22.76 17.18 5.73
N LEU A 38 -22.94 17.57 4.46
CA LEU A 38 -24.30 17.79 3.97
C LEU A 38 -25.10 16.51 4.00
N ALA A 39 -24.44 15.37 3.74
CA ALA A 39 -25.11 14.08 3.87
C ALA A 39 -25.54 13.81 5.30
N SER A 40 -24.74 14.25 6.27
CA SER A 40 -25.09 14.06 7.67
C SER A 40 -26.36 14.79 8.06
N LYS A 41 -26.80 15.77 7.26
CA LYS A 41 -27.91 16.65 7.62
C LYS A 41 -29.18 16.35 6.83
N GLY A 42 -29.35 15.09 6.42
CA GLY A 42 -30.56 14.70 5.71
C GLY A 42 -30.59 15.11 4.26
N LEU A 43 -29.45 15.48 3.69
CA LEU A 43 -29.33 15.78 2.27
C LEU A 43 -28.71 14.58 1.57
N LEU A 44 -29.09 14.39 0.31
CA LEU A 44 -28.43 13.43 -0.57
C LEU A 44 -27.49 14.22 -1.49
N VAL A 45 -26.22 13.88 -1.44
CA VAL A 45 -25.19 14.56 -2.19
C VAL A 45 -24.70 13.64 -3.29
N THR A 46 -24.48 14.20 -4.48
CA THR A 46 -23.84 13.50 -5.58
C THR A 46 -22.53 14.22 -5.87
N PHE A 47 -21.42 13.59 -5.49
CA PHE A 47 -20.10 14.14 -5.76
C PHE A 47 -19.62 13.67 -7.12
N SER A 48 -18.97 14.56 -7.87
CA SER A 48 -18.43 14.25 -9.18
C SER A 48 -17.10 14.99 -9.36
N THR A 49 -16.21 14.38 -10.17
CA THR A 49 -14.89 14.91 -10.52
C THR A 49 -14.40 14.14 -11.75
N PRO A 50 -13.72 14.81 -12.73
CA PRO A 50 -13.22 14.13 -13.94
C PRO A 50 -12.81 12.67 -13.77
N GLU A 51 -13.32 11.82 -14.66
CA GLU A 51 -13.12 10.37 -14.53
C GLU A 51 -11.65 9.98 -14.59
N SER A 52 -10.87 10.64 -15.46
CA SER A 52 -9.47 10.30 -15.63
C SER A 52 -8.76 10.26 -14.27
N TYR A 53 -8.95 11.29 -13.47
CA TYR A 53 -8.54 11.25 -12.07
C TYR A 53 -9.61 10.62 -11.18
N GLY A 54 -10.85 10.54 -11.65
CA GLY A 54 -11.89 9.91 -10.84
C GLY A 54 -11.64 8.43 -10.63
N LYS A 55 -11.43 7.68 -11.71
CA LYS A 55 -11.13 6.26 -11.57
C LYS A 55 -9.84 6.04 -10.79
N GLU A 56 -8.92 7.00 -10.83
CA GLU A 56 -7.75 6.89 -9.97
C GLU A 56 -8.15 6.92 -8.50
N MET A 57 -9.15 7.74 -8.16
CA MET A 57 -9.73 7.66 -6.82
C MET A 57 -10.39 6.29 -6.59
N ARG A 58 -11.14 5.81 -7.59
CA ARG A 58 -11.74 4.47 -7.54
C ARG A 58 -10.70 3.42 -7.14
N LYS A 59 -9.67 3.26 -7.99
CA LYS A 59 -8.66 2.24 -7.80
C LYS A 59 -7.90 2.42 -6.49
N THR A 60 -7.70 3.67 -6.05
CA THR A 60 -6.87 3.99 -4.89
C THR A 60 -7.65 4.16 -3.59
N ASN A 61 -8.99 4.15 -3.63
CA ASN A 61 -9.80 4.30 -2.43
C ASN A 61 -10.51 2.99 -2.11
N ASP A 62 -10.61 2.67 -0.82
CA ASP A 62 -11.34 1.48 -0.41
C ASP A 62 -12.85 1.70 -0.60
N ASP A 63 -13.42 2.68 0.11
CA ASP A 63 -14.82 2.99 -0.16
C ASP A 63 -14.91 3.64 -1.53
N ILE A 64 -15.09 2.81 -2.56
CA ILE A 64 -15.35 3.28 -3.91
C ILE A 64 -16.82 3.67 -3.96
N SER A 65 -17.53 3.24 -5.00
CA SER A 65 -18.96 3.53 -5.09
C SER A 65 -19.59 2.37 -5.84
N ASP A 66 -20.19 1.46 -5.09
CA ASP A 66 -21.14 0.54 -5.68
C ASP A 66 -22.51 1.20 -5.83
N GLN A 67 -22.84 2.16 -4.94
CA GLN A 67 -24.10 2.90 -4.92
C GLN A 67 -24.03 3.90 -3.75
N PRO A 68 -25.13 4.50 -3.26
CA PRO A 68 -24.95 5.48 -2.16
C PRO A 68 -24.31 4.86 -0.93
N ILE A 69 -23.74 5.74 -0.11
CA ILE A 69 -23.02 5.38 1.10
C ILE A 69 -23.58 6.25 2.20
N LEU A 70 -24.53 5.70 2.97
CA LEU A 70 -25.28 6.49 3.94
C LEU A 70 -24.36 7.14 4.95
N ILE A 71 -24.75 8.34 5.40
CA ILE A 71 -24.12 9.01 6.54
C ILE A 71 -25.24 9.71 7.31
N GLY A 72 -25.43 9.30 8.56
CA GLY A 72 -26.58 9.80 9.29
C GLY A 72 -27.84 9.37 8.57
N GLU A 73 -28.65 10.34 8.15
CA GLU A 73 -29.87 10.07 7.40
C GLU A 73 -29.76 10.47 5.93
N GLY A 74 -28.56 10.83 5.48
CA GLY A 74 -28.31 11.11 4.08
C GLY A 74 -27.21 10.21 3.54
N SER A 75 -26.99 10.33 2.23
CA SER A 75 -26.02 9.48 1.54
C SER A 75 -25.18 10.32 0.60
N ILE A 76 -24.16 9.70 0.03
CA ILE A 76 -23.25 10.33 -0.91
C ILE A 76 -23.14 9.43 -2.12
N ARG A 77 -23.72 9.84 -3.23
CA ARG A 77 -23.60 9.10 -4.47
C ARG A 77 -22.39 9.62 -5.27
N PHE A 78 -21.98 8.84 -6.26
CA PHE A 78 -20.88 9.18 -7.16
C PHE A 78 -21.38 9.11 -8.60
N GLU A 79 -21.27 10.23 -9.33
CA GLU A 79 -21.69 10.31 -10.73
C GLU A 79 -20.65 11.11 -11.50
N PHE A 80 -19.50 10.49 -11.75
CA PHE A 80 -18.35 11.24 -12.24
C PHE A 80 -18.63 11.84 -13.60
N LEU A 81 -18.02 12.99 -13.83
CA LEU A 81 -18.08 13.61 -15.15
C LEU A 81 -17.20 12.82 -16.11
N ASP A 82 -17.78 12.43 -17.26
CA ASP A 82 -16.98 11.81 -18.30
C ASP A 82 -15.94 12.81 -18.76
N ASP A 83 -14.67 12.47 -18.55
CA ASP A 83 -13.60 13.39 -18.89
C ASP A 83 -13.37 13.44 -20.40
N GLU A 84 -13.58 12.32 -21.09
CA GLU A 84 -13.21 12.20 -22.50
C GLU A 84 -11.74 12.55 -22.70
N TRP A 85 -10.90 12.04 -21.79
CA TRP A 85 -9.49 12.43 -21.69
C TRP A 85 -8.67 11.23 -21.21
N ASP A 86 -8.12 10.49 -22.16
CA ASP A 86 -7.05 9.54 -21.91
C ASP A 86 -5.74 10.20 -22.32
N GLU A 87 -4.67 9.86 -21.60
CA GLU A 87 -3.43 10.63 -21.71
C GLU A 87 -2.91 10.67 -23.14
N ASN A 88 -2.65 11.88 -23.63
CA ASN A 88 -2.38 12.12 -25.04
C ASN A 88 -1.09 12.93 -25.23
N LEU A 95 -0.85 21.88 -18.50
CA LEU A 95 -2.00 22.13 -17.64
C LEU A 95 -3.08 22.99 -18.34
N ASP A 96 -2.65 23.98 -19.14
CA ASP A 96 -3.64 24.80 -19.85
C ASP A 96 -4.33 23.98 -20.92
N ALA A 97 -3.61 23.08 -21.58
CA ALA A 97 -4.22 22.23 -22.60
C ALA A 97 -5.47 21.54 -22.05
N TYR A 98 -5.36 20.94 -20.86
CA TYR A 98 -6.46 20.14 -20.32
C TYR A 98 -7.58 21.00 -19.77
N ALA A 99 -7.24 22.16 -19.18
CA ALA A 99 -8.26 23.03 -18.59
C ALA A 99 -9.27 23.47 -19.63
N THR A 100 -8.81 23.92 -20.80
CA THR A 100 -9.74 24.34 -21.84
C THR A 100 -10.59 23.16 -22.32
N HIS A 101 -9.95 22.01 -22.54
CA HIS A 101 -10.71 20.85 -22.98
C HIS A 101 -11.73 20.44 -21.92
N LEU A 102 -11.30 20.37 -20.65
CA LEU A 102 -12.22 19.98 -19.59
C LEU A 102 -13.44 20.89 -19.53
N GLU A 103 -13.21 22.20 -19.57
CA GLU A 103 -14.32 23.14 -19.64
C GLU A 103 -15.26 22.82 -20.80
N ARG A 104 -14.70 22.35 -21.92
CA ARG A 104 -15.52 22.02 -23.08
C ARG A 104 -16.41 20.81 -22.80
N VAL A 105 -15.82 19.72 -22.28
CA VAL A 105 -16.60 18.52 -22.02
C VAL A 105 -17.57 18.74 -20.87
N GLY A 106 -17.17 19.52 -19.87
CA GLY A 106 -18.01 19.71 -18.70
C GLY A 106 -19.34 20.35 -19.05
N LYS A 107 -19.30 21.48 -19.78
CA LYS A 107 -20.52 22.12 -20.25
C LYS A 107 -21.27 21.25 -21.24
N GLN A 108 -20.54 20.53 -22.08
CA GLN A 108 -21.20 19.53 -22.89
C GLN A 108 -22.00 18.55 -22.00
N ASN A 109 -21.34 18.03 -20.97
CA ASN A 109 -21.85 16.84 -20.27
C ASN A 109 -22.68 17.15 -19.05
N LEU A 110 -22.30 18.15 -18.24
CA LEU A 110 -23.00 18.37 -16.98
C LEU A 110 -24.50 18.60 -17.15
N PRO A 111 -24.99 19.37 -18.13
CA PRO A 111 -26.45 19.41 -18.33
C PRO A 111 -27.02 18.03 -18.63
N ARG A 112 -26.31 17.20 -19.40
CA ARG A 112 -26.79 15.86 -19.70
C ARG A 112 -26.96 15.04 -18.43
N MET A 113 -26.10 15.24 -17.43
CA MET A 113 -26.24 14.52 -16.16
C MET A 113 -27.33 15.16 -15.30
N PHE A 114 -27.40 16.48 -15.29
CA PHE A 114 -28.47 17.15 -14.57
C PHE A 114 -29.82 16.84 -15.20
N LYS A 115 -29.86 16.75 -16.54
CA LYS A 115 -31.12 16.44 -17.22
C LYS A 115 -31.60 15.03 -16.90
N LYS A 116 -30.67 14.07 -16.74
CA LYS A 116 -31.05 12.75 -16.23
C LYS A 116 -31.75 12.86 -14.89
N HIS A 117 -31.15 13.60 -13.95
CA HIS A 117 -31.75 13.75 -12.64
C HIS A 117 -33.05 14.54 -12.68
N GLU A 118 -33.31 15.28 -13.76
CA GLU A 118 -34.57 16.03 -13.85
C GLU A 118 -35.76 15.09 -14.01
N GLU A 119 -35.61 14.01 -14.79
CA GLU A 119 -36.73 13.12 -15.10
C GLU A 119 -36.91 12.00 -14.08
N GLU A 120 -35.94 11.77 -13.22
CA GLU A 120 -36.08 10.79 -12.14
C GLU A 120 -36.33 11.50 -10.81
N GLY A 121 -37.29 12.43 -10.83
CA GLY A 121 -37.77 13.07 -9.62
C GLY A 121 -36.67 13.60 -8.74
N ARG A 122 -35.59 14.07 -9.34
CA ARG A 122 -34.41 14.54 -8.62
C ARG A 122 -33.95 15.87 -9.20
N PRO A 123 -34.80 16.90 -9.16
CA PRO A 123 -34.31 18.24 -9.52
C PRO A 123 -33.26 18.69 -8.53
N ILE A 124 -32.13 19.13 -9.04
CA ILE A 124 -31.02 19.51 -8.18
C ILE A 124 -31.27 20.92 -7.65
N SER A 125 -31.17 21.08 -6.34
CA SER A 125 -31.47 22.38 -5.74
C SER A 125 -30.29 23.32 -5.80
N CYS A 126 -29.06 22.80 -5.83
CA CYS A 126 -27.91 23.67 -5.75
C CYS A 126 -26.71 22.94 -6.30
N ILE A 127 -25.73 23.71 -6.75
CA ILE A 127 -24.45 23.18 -7.17
C ILE A 127 -23.40 23.75 -6.25
N ILE A 128 -22.35 22.98 -6.00
CA ILE A 128 -21.19 23.47 -5.28
C ILE A 128 -19.95 23.14 -6.09
N ASN A 129 -19.09 24.13 -6.30
CA ASN A 129 -17.83 23.95 -6.99
C ASN A 129 -16.73 24.65 -6.21
N ASN A 130 -15.49 24.31 -6.53
CA ASN A 130 -14.30 24.98 -6.03
C ASN A 130 -13.66 25.88 -7.10
N PRO A 131 -12.76 26.80 -6.68
CA PRO A 131 -12.19 27.78 -7.63
C PRO A 131 -11.51 27.22 -8.87
N PHE A 132 -11.08 25.97 -8.88
CA PHE A 132 -10.29 25.49 -10.00
C PHE A 132 -11.12 24.79 -11.07
N ILE A 133 -12.45 24.86 -10.96
CA ILE A 133 -13.31 24.74 -12.13
C ILE A 133 -14.23 25.95 -12.13
N PRO A 134 -13.69 27.16 -12.34
CA PRO A 134 -14.46 28.38 -12.06
C PRO A 134 -15.61 28.60 -13.02
N TRP A 135 -15.65 27.85 -14.11
CA TRP A 135 -16.69 28.02 -15.10
C TRP A 135 -18.01 27.39 -14.68
N VAL A 136 -18.01 26.64 -13.57
CA VAL A 136 -19.22 25.91 -13.17
C VAL A 136 -20.38 26.84 -12.88
N PRO A 137 -20.23 27.95 -12.16
CA PRO A 137 -21.36 28.88 -11.98
C PRO A 137 -21.96 29.40 -13.29
N GLU A 138 -21.35 29.12 -14.45
CA GLU A 138 -21.94 29.49 -15.74
C GLU A 138 -22.98 28.46 -16.18
N VAL A 139 -22.69 27.17 -16.03
CA VAL A 139 -23.70 26.15 -16.32
C VAL A 139 -24.85 26.26 -15.35
N ALA A 140 -24.55 26.49 -14.07
CA ALA A 140 -25.59 26.74 -13.09
C ALA A 140 -26.51 27.88 -13.53
N GLU A 141 -25.92 28.94 -14.10
CA GLU A 141 -26.69 30.11 -14.47
C GLU A 141 -27.67 29.81 -15.60
N SER A 142 -27.18 29.21 -16.68
CA SER A 142 -28.02 28.95 -17.84
C SER A 142 -29.14 27.95 -17.49
N LEU A 143 -28.83 26.98 -16.64
CA LEU A 143 -29.78 25.91 -16.35
C LEU A 143 -30.78 26.31 -15.26
N GLY A 144 -30.72 27.55 -14.78
CA GLY A 144 -31.60 28.02 -13.73
C GLY A 144 -31.32 27.52 -12.34
N ILE A 145 -30.14 26.93 -12.11
CA ILE A 145 -29.85 26.22 -10.88
C ILE A 145 -28.93 27.10 -10.01
N PRO A 146 -29.31 27.39 -8.76
CA PRO A 146 -28.50 28.31 -7.94
C PRO A 146 -27.06 27.81 -7.76
N SER A 147 -26.14 28.77 -7.64
CA SER A 147 -24.71 28.45 -7.59
C SER A 147 -24.10 28.93 -6.28
N ALA A 148 -23.41 28.03 -5.60
CA ALA A 148 -22.60 28.32 -4.41
C ALA A 148 -21.17 27.83 -4.64
N LEU A 149 -20.27 28.27 -3.77
CA LEU A 149 -18.85 28.10 -3.94
C LEU A 149 -18.21 27.58 -2.66
N LEU A 150 -17.40 26.52 -2.79
CA LEU A 150 -16.55 26.06 -1.69
C LEU A 150 -15.15 26.65 -1.88
N TRP A 151 -14.79 27.59 -1.01
CA TRP A 151 -13.47 28.19 -0.95
C TRP A 151 -12.65 27.46 0.10
N VAL A 152 -11.48 26.99 -0.31
CA VAL A 152 -10.69 26.01 0.44
C VAL A 152 -9.46 26.64 1.10
N GLN A 153 -9.27 27.94 0.94
CA GLN A 153 -8.17 28.67 1.55
C GLN A 153 -8.74 29.58 2.62
N SER A 154 -7.91 30.44 3.18
CA SER A 154 -8.38 31.25 4.28
C SER A 154 -9.35 32.35 3.79
N CYS A 155 -9.81 33.19 4.72
CA CYS A 155 -10.58 34.34 4.27
C CYS A 155 -9.69 35.52 3.95
N ALA A 156 -8.46 35.54 4.49
CA ALA A 156 -7.49 36.56 4.07
C ALA A 156 -7.05 36.33 2.63
N SER A 157 -7.03 35.08 2.18
CA SER A 157 -6.66 34.80 0.80
C SER A 157 -7.78 35.15 -0.17
N PHE A 158 -9.02 34.79 0.18
CA PHE A 158 -10.17 35.21 -0.60
C PHE A 158 -10.19 36.72 -0.80
N SER A 159 -10.00 37.48 0.29
CA SER A 159 -9.95 38.94 0.19
C SER A 159 -8.82 39.40 -0.71
N SER A 160 -7.66 38.74 -0.64
CA SER A 160 -6.57 39.05 -1.57
C SER A 160 -7.04 38.96 -3.02
N TYR A 161 -7.73 37.87 -3.37
CA TYR A 161 -8.17 37.64 -4.74
C TYR A 161 -9.27 38.61 -5.16
N TYR A 162 -10.23 38.85 -4.25
CA TYR A 162 -11.40 39.66 -4.60
C TYR A 162 -11.03 41.13 -4.79
N HIS A 163 -10.25 41.67 -3.86
CA HIS A 163 -9.74 43.03 -3.99
C HIS A 163 -8.88 43.18 -5.24
N PHE A 164 -8.12 42.14 -5.58
CA PHE A 164 -7.23 42.23 -6.73
C PHE A 164 -8.00 42.17 -8.04
N PHE A 165 -8.92 41.21 -8.17
CA PHE A 165 -9.67 41.15 -9.41
C PHE A 165 -10.42 42.46 -9.67
N ASN A 166 -11.07 43.00 -8.65
CA ASN A 166 -11.79 44.27 -8.81
C ASN A 166 -10.88 45.47 -8.63
N ASP A 167 -9.58 45.23 -8.39
CA ASP A 167 -8.57 46.28 -8.34
C ASP A 167 -8.97 47.42 -7.41
N LEU A 168 -9.37 47.04 -6.20
CA LEU A 168 -9.82 47.98 -5.18
C LEU A 168 -8.70 48.46 -4.28
N VAL A 169 -7.52 47.84 -4.41
CA VAL A 169 -6.32 48.17 -3.65
C VAL A 169 -5.13 47.76 -4.51
N SER A 170 -3.98 48.41 -4.30
CA SER A 170 -2.84 48.26 -5.20
C SER A 170 -1.95 47.08 -4.80
N PHE A 171 -1.52 46.33 -5.80
CA PHE A 171 -0.66 45.17 -5.65
C PHE A 171 0.68 45.39 -6.34
N PRO A 172 1.65 44.51 -6.11
CA PRO A 172 2.87 44.55 -6.92
C PRO A 172 2.55 44.44 -8.40
N THR A 173 3.28 45.22 -9.20
CA THR A 173 3.18 45.21 -10.65
C THR A 173 4.59 44.96 -11.23
N GLU A 174 4.67 45.00 -12.57
CA GLU A 174 5.98 44.89 -13.21
C GLU A 174 6.84 46.09 -12.88
N SER A 175 6.24 47.29 -12.74
CA SER A 175 6.99 48.50 -12.43
C SER A 175 7.33 48.65 -10.95
N ASN A 176 6.61 47.97 -10.05
CA ASN A 176 6.96 48.01 -8.62
C ASN A 176 6.74 46.61 -8.04
N LEU A 177 7.80 45.82 -8.06
CA LEU A 177 7.71 44.41 -7.69
C LEU A 177 7.80 44.19 -6.18
N LYS A 178 8.25 45.17 -5.41
CA LYS A 178 8.39 45.07 -3.98
C LYS A 178 7.39 45.94 -3.22
N LYS A 179 6.32 46.39 -3.88
CA LYS A 179 5.32 47.20 -3.19
C LYS A 179 4.62 46.41 -2.07
N ASP A 180 4.48 47.04 -0.90
CA ASP A 180 3.59 46.52 0.12
C ASP A 180 2.14 46.51 -0.39
N VAL A 181 1.28 45.82 0.36
CA VAL A 181 -0.14 45.72 0.08
C VAL A 181 -0.90 45.90 1.38
N CYS A 182 -1.86 46.84 1.38
CA CYS A 182 -2.68 47.18 2.55
C CYS A 182 -4.17 46.91 2.26
N LEU A 183 -4.62 45.71 2.63
CA LEU A 183 -5.97 45.15 2.58
C LEU A 183 -6.73 45.48 3.86
N PRO A 184 -8.00 45.88 3.71
CA PRO A 184 -8.80 46.25 4.89
C PRO A 184 -8.90 45.08 5.88
N SER A 185 -8.87 45.43 7.16
CA SER A 185 -8.96 44.42 8.23
C SER A 185 -7.93 43.31 8.07
N MET A 186 -6.75 43.67 7.57
CA MET A 186 -5.63 42.73 7.48
C MET A 186 -4.37 43.43 7.94
N PRO A 187 -3.40 42.68 8.47
CA PRO A 187 -2.07 43.27 8.66
C PRO A 187 -1.47 43.59 7.29
N MET A 188 -0.69 44.66 7.23
CA MET A 188 -0.04 44.96 5.96
C MET A 188 0.90 43.80 5.62
N LEU A 189 0.60 43.10 4.53
CA LEU A 189 1.49 42.11 3.98
C LEU A 189 2.70 42.79 3.33
N LYS A 190 3.53 42.01 2.69
CA LYS A 190 4.65 42.49 1.90
C LYS A 190 4.46 41.93 0.50
N TYR A 191 5.31 42.35 -0.43
CA TYR A 191 5.15 41.87 -1.80
C TYR A 191 5.14 40.33 -1.86
N ASP A 192 6.00 39.67 -1.08
CA ASP A 192 6.12 38.23 -1.13
C ASP A 192 5.28 37.51 -0.06
N GLU A 193 4.39 38.23 0.63
CA GLU A 193 3.42 37.59 1.53
C GLU A 193 1.99 37.56 0.99
N VAL A 194 1.74 38.18 -0.15
CA VAL A 194 0.46 38.07 -0.83
C VAL A 194 0.45 36.71 -1.54
N PRO A 195 -0.71 36.04 -1.67
CA PRO A 195 -0.77 34.75 -2.38
C PRO A 195 0.02 34.78 -3.69
N LEU A 196 1.02 33.88 -3.84
CA LEU A 196 2.00 34.03 -4.91
C LEU A 196 1.36 34.07 -6.30
N LEU A 197 0.13 33.55 -6.47
CA LEU A 197 -0.53 33.53 -7.77
C LEU A 197 -0.99 34.92 -8.23
N LEU A 198 -0.94 35.93 -7.36
CA LEU A 198 -1.28 37.29 -7.74
C LEU A 198 -0.05 38.11 -8.10
N TYR A 199 1.14 37.56 -7.82
CA TYR A 199 2.39 38.18 -8.21
C TYR A 199 2.45 38.29 -9.73
N PRO A 200 3.04 39.35 -10.26
CA PRO A 200 3.08 39.48 -11.74
C PRO A 200 4.12 38.57 -12.40
N ILE A 201 5.02 37.95 -11.64
CA ILE A 201 5.97 36.98 -12.18
C ILE A 201 5.52 35.57 -11.77
N VAL A 202 5.07 34.79 -12.74
CA VAL A 202 4.64 33.43 -12.43
C VAL A 202 5.07 32.44 -13.50
N PRO A 203 5.67 31.29 -13.10
CA PRO A 203 6.00 30.22 -14.06
C PRO A 203 4.90 29.96 -15.07
N LEU A 204 5.27 29.79 -16.34
CA LEU A 204 4.27 29.58 -17.38
C LEU A 204 3.49 28.28 -17.27
N PRO A 205 3.94 27.24 -16.55
CA PRO A 205 3.03 26.12 -16.29
C PRO A 205 1.99 26.43 -15.23
N ILE A 206 2.14 27.53 -14.49
CA ILE A 206 1.26 27.84 -13.39
C ILE A 206 0.25 28.95 -13.72
N ILE A 207 0.47 29.73 -14.79
CA ILE A 207 -0.38 30.86 -15.17
C ILE A 207 -1.83 30.41 -15.27
N SER A 208 -2.04 29.13 -15.55
CA SER A 208 -3.38 28.56 -15.67
C SER A 208 -4.08 28.45 -14.32
N LEU A 209 -3.36 28.44 -13.21
CA LEU A 209 -4.06 28.52 -11.94
C LEU A 209 -4.38 29.98 -11.60
N LYS A 210 -3.48 30.91 -11.92
CA LYS A 210 -3.81 32.34 -11.83
C LYS A 210 -5.09 32.66 -12.60
N ASN A 211 -5.21 32.15 -13.84
CA ASN A 211 -6.41 32.44 -14.62
C ASN A 211 -7.66 31.78 -14.02
N ALA A 212 -7.53 30.62 -13.40
CA ALA A 212 -8.71 29.98 -12.82
C ALA A 212 -9.24 30.79 -11.66
N MET A 213 -8.34 31.12 -10.70
CA MET A 213 -8.68 32.04 -9.63
C MET A 213 -9.39 33.27 -10.17
N LEU A 214 -8.70 34.02 -11.05
CA LEU A 214 -9.26 35.28 -11.54
C LEU A 214 -10.61 35.08 -12.20
N ARG A 215 -10.79 33.98 -12.94
CA ARG A 215 -12.09 33.73 -13.56
C ARG A 215 -13.18 33.49 -12.52
N GLN A 216 -12.83 32.82 -11.42
CA GLN A 216 -13.80 32.60 -10.35
C GLN A 216 -14.22 33.93 -9.72
N GLN A 217 -13.30 34.91 -9.64
CA GLN A 217 -13.71 36.21 -9.11
C GLN A 217 -14.62 36.95 -10.08
N LYS A 218 -14.53 36.66 -11.38
CA LYS A 218 -15.44 37.26 -12.34
C LYS A 218 -16.82 36.64 -12.26
N ASN A 219 -16.90 35.37 -11.89
CA ASN A 219 -18.16 34.64 -11.81
C ASN A 219 -18.86 34.78 -10.47
N LEU A 220 -18.25 35.47 -9.51
CA LEU A 220 -18.83 35.59 -8.18
C LEU A 220 -20.24 36.19 -8.22
N SER A 221 -20.52 37.09 -9.16
CA SER A 221 -21.83 37.72 -9.23
C SER A 221 -22.96 36.70 -9.26
N LYS A 222 -22.82 35.65 -10.08
CA LYS A 222 -23.82 34.61 -10.26
C LYS A 222 -23.97 33.70 -9.05
N THR A 223 -23.21 33.91 -7.98
CA THR A 223 -23.09 33.00 -6.86
C THR A 223 -23.77 33.58 -5.62
N PHE A 224 -24.65 32.79 -5.01
CA PHE A 224 -25.43 33.28 -3.87
C PHE A 224 -24.79 33.02 -2.51
N CYS A 225 -23.74 32.19 -2.44
CA CYS A 225 -23.14 31.85 -1.15
C CYS A 225 -21.72 31.35 -1.37
N VAL A 226 -20.78 31.88 -0.58
CA VAL A 226 -19.42 31.37 -0.53
C VAL A 226 -19.20 30.70 0.84
N LEU A 227 -19.03 29.38 0.83
CA LEU A 227 -18.69 28.56 2.01
C LEU A 227 -17.18 28.49 2.20
N VAL A 228 -16.69 28.97 3.34
CA VAL A 228 -15.25 29.15 3.56
C VAL A 228 -14.76 28.20 4.64
N ASP A 229 -13.60 27.56 4.40
CA ASP A 229 -13.03 26.62 5.34
C ASP A 229 -12.19 27.35 6.38
N THR A 230 -12.89 27.95 7.33
CA THR A 230 -12.34 28.73 8.42
C THR A 230 -13.47 28.86 9.43
N PHE A 231 -13.17 29.46 10.57
CA PHE A 231 -14.21 29.62 11.57
C PHE A 231 -14.16 31.06 12.09
N GLN A 232 -15.23 31.47 12.80
CA GLN A 232 -15.57 32.89 12.88
C GLN A 232 -14.54 33.70 13.67
N GLN A 233 -14.00 33.15 14.76
CA GLN A 233 -13.07 33.89 15.60
C GLN A 233 -11.62 33.88 15.09
N LEU A 234 -11.26 32.92 14.22
CA LEU A 234 -9.91 32.92 13.65
C LEU A 234 -9.69 34.15 12.76
N GLU A 235 -10.68 34.50 11.93
CA GLU A 235 -10.67 35.71 11.10
C GLU A 235 -11.94 36.52 11.38
N ASP A 236 -12.07 36.99 12.63
CA ASP A 236 -13.31 37.60 13.05
C ASP A 236 -13.64 38.86 12.28
N GLU A 237 -12.86 39.93 12.47
CA GLU A 237 -13.24 41.23 11.91
C GLU A 237 -13.26 41.18 10.38
N LEU A 238 -12.29 40.49 9.77
CA LEU A 238 -12.24 40.33 8.32
C LEU A 238 -13.58 39.83 7.77
N ILE A 239 -14.13 38.79 8.40
CA ILE A 239 -15.31 38.16 7.87
C ILE A 239 -16.49 39.12 7.96
N HIS A 240 -16.49 40.00 8.97
CA HIS A 240 -17.52 41.04 9.11
C HIS A 240 -17.39 42.10 8.01
N TYR A 241 -16.16 42.53 7.71
CA TYR A 241 -15.99 43.57 6.70
C TYR A 241 -16.40 43.04 5.33
N LEU A 242 -15.78 41.95 4.88
CA LEU A 242 -16.06 41.44 3.54
C LEU A 242 -17.48 40.94 3.39
N SER A 243 -18.20 40.68 4.49
CA SER A 243 -19.58 40.21 4.43
C SER A 243 -20.56 41.27 3.92
N LYS A 244 -20.15 42.52 3.82
CA LYS A 244 -20.99 43.56 3.22
C LYS A 244 -20.83 43.59 1.71
N LEU A 245 -19.58 43.47 1.23
CA LEU A 245 -19.35 43.28 -0.20
C LEU A 245 -19.80 41.90 -0.65
N CYS A 246 -19.63 40.89 0.20
CA CYS A 246 -19.65 39.51 -0.26
C CYS A 246 -20.43 38.60 0.69
N PRO A 247 -21.07 37.57 0.16
CA PRO A 247 -21.84 36.59 0.95
C PRO A 247 -21.01 35.45 1.54
N ILE A 248 -20.15 35.78 2.51
CA ILE A 248 -19.14 34.87 3.06
C ILE A 248 -19.69 34.13 4.28
N ARG A 249 -19.53 32.80 4.31
CA ARG A 249 -20.00 31.97 5.41
C ARG A 249 -18.89 31.08 5.96
N PRO A 250 -18.43 31.28 7.20
CA PRO A 250 -17.42 30.39 7.79
C PRO A 250 -18.06 29.13 8.35
N ILE A 251 -17.56 27.97 7.92
CA ILE A 251 -18.21 26.68 8.20
C ILE A 251 -17.18 25.64 8.57
N GLY A 252 -16.06 26.07 9.17
CA GLY A 252 -14.93 25.19 9.33
C GLY A 252 -14.42 24.99 10.75
N PRO A 253 -13.39 24.15 10.90
CA PRO A 253 -12.71 23.51 9.77
C PRO A 253 -13.47 22.27 9.30
N LEU A 254 -13.27 21.85 8.06
CA LEU A 254 -14.12 20.77 7.56
C LEU A 254 -13.71 19.41 8.14
N PHE A 255 -12.42 19.22 8.43
CA PHE A 255 -11.94 17.93 8.93
C PHE A 255 -12.50 17.64 10.31
N LYS A 256 -12.79 18.69 11.08
CA LYS A 256 -13.35 18.53 12.41
C LYS A 256 -14.88 18.54 12.39
N ILE A 257 -15.50 19.21 11.41
CA ILE A 257 -16.95 19.21 11.26
C ILE A 257 -17.47 17.79 11.08
N SER A 258 -16.80 16.98 10.26
CA SER A 258 -17.31 15.65 9.94
C SER A 258 -16.22 14.58 9.99
N ASP A 274 2.53 1.81 12.71
CA ASP A 274 3.55 1.80 13.74
C ASP A 274 3.83 3.21 14.26
N CYS A 275 3.36 4.21 13.52
CA CYS A 275 3.70 5.60 13.80
C CYS A 275 3.15 6.09 15.14
N ILE A 276 1.92 5.69 15.49
CA ILE A 276 1.32 6.19 16.72
C ILE A 276 1.77 5.37 17.92
N GLU A 277 2.14 4.11 17.72
CA GLU A 277 2.77 3.32 18.78
C GLU A 277 4.11 3.92 19.19
N TRP A 278 4.90 4.41 18.21
CA TRP A 278 6.21 4.95 18.53
C TRP A 278 6.10 6.23 19.36
N LEU A 279 5.26 7.17 18.91
CA LEU A 279 5.12 8.43 19.64
C LEU A 279 4.65 8.23 21.07
N ASP A 280 3.98 7.11 21.35
CA ASP A 280 3.55 6.82 22.72
C ASP A 280 4.74 6.72 23.67
N SER A 281 5.83 6.09 23.23
CA SER A 281 6.97 5.86 24.14
C SER A 281 7.63 7.17 24.56
N LYS A 282 7.55 8.20 23.72
CA LYS A 282 8.18 9.48 24.02
C LYS A 282 7.45 10.23 25.13
N SER A 283 8.19 11.11 25.81
CA SER A 283 7.60 12.09 26.71
C SER A 283 6.68 13.06 25.96
N PRO A 284 5.80 13.75 26.68
CA PRO A 284 4.91 14.71 26.02
C PRO A 284 5.64 15.97 25.59
N SER A 285 5.23 16.51 24.43
CA SER A 285 5.77 17.76 23.90
C SER A 285 7.28 17.62 23.66
N SER A 286 7.64 16.64 22.85
CA SER A 286 9.05 16.31 22.73
C SER A 286 9.46 16.03 21.28
N VAL A 287 8.52 15.60 20.47
CA VAL A 287 8.82 15.16 19.12
C VAL A 287 8.64 16.35 18.17
N VAL A 288 9.73 16.73 17.48
CA VAL A 288 9.65 17.63 16.34
C VAL A 288 8.93 16.88 15.22
N TYR A 289 7.82 17.45 14.76
CA TYR A 289 7.05 16.86 13.67
C TYR A 289 7.36 17.63 12.40
N ILE A 290 7.40 16.92 11.26
CA ILE A 290 7.89 17.45 10.01
C ILE A 290 7.09 16.87 8.85
N SER A 291 6.12 17.62 8.34
CA SER A 291 5.46 17.26 7.10
C SER A 291 5.53 18.43 6.15
N PHE A 292 5.23 18.16 4.86
CA PHE A 292 5.08 19.20 3.85
C PHE A 292 4.01 18.84 2.82
N GLY A 293 2.95 18.16 3.24
CA GLY A 293 1.86 17.83 2.33
C GLY A 293 2.33 16.88 1.26
N SER A 294 1.42 16.58 0.32
CA SER A 294 1.66 15.56 -0.67
C SER A 294 1.96 16.11 -2.07
N ILE A 295 2.21 17.41 -2.20
CA ILE A 295 2.62 18.01 -3.47
C ILE A 295 4.01 18.63 -3.38
N VAL A 296 4.26 19.40 -2.32
CA VAL A 296 5.56 20.03 -2.14
C VAL A 296 6.66 19.00 -2.28
N HIS A 297 7.69 19.36 -3.05
CA HIS A 297 8.93 18.58 -3.09
C HIS A 297 10.07 19.54 -2.82
N LEU A 298 10.77 19.34 -1.71
CA LEU A 298 11.82 20.27 -1.37
C LEU A 298 13.04 20.03 -2.27
N LYS A 299 14.07 20.85 -2.08
CA LYS A 299 15.34 20.66 -2.77
C LYS A 299 16.30 19.81 -1.94
N GLN A 300 17.10 18.99 -2.64
CA GLN A 300 18.05 18.10 -1.99
C GLN A 300 18.94 18.85 -1.00
N GLU A 301 19.41 20.05 -1.37
CA GLU A 301 20.21 20.79 -0.41
C GLU A 301 19.40 21.16 0.83
N GLN A 302 18.10 21.43 0.66
CA GLN A 302 17.29 21.79 1.83
C GLN A 302 17.07 20.59 2.73
N ILE A 303 16.87 19.41 2.13
CA ILE A 303 16.78 18.17 2.88
C ILE A 303 18.01 17.98 3.76
N THR A 304 19.21 18.09 3.15
CA THR A 304 20.45 17.80 3.84
C THR A 304 20.75 18.82 4.93
N GLU A 305 20.27 20.06 4.80
CA GLU A 305 20.44 21.00 5.91
C GLU A 305 19.51 20.69 7.09
N ILE A 306 18.35 20.07 6.85
CA ILE A 306 17.42 19.72 7.93
C ILE A 306 17.94 18.49 8.69
N ALA A 307 18.36 17.47 7.95
CA ALA A 307 18.92 16.28 8.57
C ALA A 307 20.14 16.62 9.42
N TYR A 308 20.97 17.55 8.97
CA TYR A 308 22.08 17.97 9.81
C TYR A 308 21.59 18.75 11.01
N ALA A 309 20.61 19.63 10.80
CA ALA A 309 20.01 20.36 11.91
C ALA A 309 19.53 19.41 13.00
N LEU A 310 18.79 18.38 12.62
CA LEU A 310 18.19 17.51 13.63
C LEU A 310 19.28 16.75 14.40
N MET A 311 20.18 16.09 13.66
CA MET A 311 21.41 15.50 14.21
C MET A 311 22.09 16.44 15.20
N ASN A 312 22.27 17.70 14.81
CA ASN A 312 23.11 18.63 15.56
C ASN A 312 22.50 18.98 16.93
N ILE A 313 21.23 19.42 16.97
CA ILE A 313 20.61 19.71 18.26
C ILE A 313 20.08 18.45 18.95
N ASN A 314 20.04 17.33 18.25
CA ASN A 314 19.80 16.01 18.84
C ASN A 314 18.40 15.88 19.42
N ILE A 315 17.46 16.61 18.83
CA ILE A 315 16.06 16.52 19.22
C ILE A 315 15.46 15.26 18.66
N SER A 316 14.40 14.77 19.31
CA SER A 316 13.57 13.73 18.72
C SER A 316 12.74 14.29 17.58
N PHE A 317 12.29 13.43 16.67
CA PHE A 317 11.59 13.90 15.49
C PHE A 317 10.84 12.78 14.79
N LEU A 318 9.83 13.18 14.01
CA LEU A 318 9.12 12.32 13.05
C LEU A 318 9.06 13.10 11.73
N TRP A 319 9.94 12.73 10.78
CA TRP A 319 10.08 13.44 9.51
C TRP A 319 9.42 12.63 8.39
N VAL A 320 8.35 13.18 7.81
CA VAL A 320 7.65 12.53 6.71
C VAL A 320 8.38 12.84 5.42
N MET A 321 8.91 11.79 4.76
CA MET A 321 9.66 11.93 3.51
C MET A 321 8.92 11.16 2.42
N LYS A 322 7.92 11.80 1.85
CA LYS A 322 7.13 11.22 0.78
C LYS A 322 7.99 10.99 -0.47
N PRO A 323 7.87 9.82 -1.12
CA PRO A 323 8.60 9.58 -2.36
C PRO A 323 7.90 10.23 -3.54
N PRO A 324 8.59 10.39 -4.68
CA PRO A 324 7.93 10.88 -5.90
C PRO A 324 6.95 9.86 -6.48
N GLN A 332 13.80 10.81 -5.09
CA GLN A 332 14.54 10.06 -4.08
C GLN A 332 15.54 10.95 -3.33
N HIS A 333 15.16 11.39 -2.14
CA HIS A 333 16.05 12.18 -1.28
C HIS A 333 17.03 11.27 -0.56
N VAL A 334 18.28 11.71 -0.44
CA VAL A 334 19.27 10.98 0.34
C VAL A 334 19.51 11.75 1.63
N LEU A 335 19.75 11.00 2.71
CA LEU A 335 20.09 11.46 4.03
C LEU A 335 21.59 11.30 4.25
N PRO A 336 22.19 12.03 5.19
CA PRO A 336 23.64 11.96 5.34
C PRO A 336 24.08 10.55 5.73
N GLN A 337 25.35 10.28 5.50
CA GLN A 337 25.86 8.93 5.75
C GLN A 337 25.75 8.61 7.23
N GLY A 338 25.03 7.53 7.54
CA GLY A 338 24.83 7.17 8.92
C GLY A 338 23.83 8.03 9.69
N PHE A 339 23.04 8.84 8.99
CA PHE A 339 21.93 9.58 9.61
C PHE A 339 21.17 8.69 10.58
N LEU A 340 20.60 7.58 10.09
CA LEU A 340 19.69 6.77 10.89
C LEU A 340 20.37 6.26 12.16
N GLU A 341 21.56 5.67 12.01
CA GLU A 341 22.27 5.14 13.16
C GLU A 341 22.63 6.24 14.14
N LYS A 342 23.00 7.41 13.64
CA LYS A 342 23.46 8.49 14.52
C LYS A 342 22.34 9.01 15.41
N VAL A 343 21.16 9.30 14.83
CA VAL A 343 20.09 9.87 15.62
C VAL A 343 19.48 8.81 16.55
N GLY A 344 19.49 7.54 16.15
CA GLY A 344 19.02 6.47 17.01
C GLY A 344 17.50 6.36 17.00
N GLU A 345 16.96 5.85 18.12
CA GLU A 345 15.52 5.81 18.34
C GLU A 345 14.92 7.18 18.63
N LYS A 346 15.75 8.21 18.82
CA LYS A 346 15.29 9.59 18.88
C LYS A 346 14.63 10.05 17.58
N GLY A 347 14.89 9.38 16.45
CA GLY A 347 14.41 9.84 15.18
C GLY A 347 13.75 8.72 14.38
N LYS A 348 12.99 9.12 13.37
CA LYS A 348 12.17 8.17 12.64
C LYS A 348 11.72 8.80 11.34
N VAL A 349 11.99 8.15 10.22
CA VAL A 349 11.59 8.63 8.91
C VAL A 349 10.57 7.67 8.32
N VAL A 350 9.47 8.22 7.78
CA VAL A 350 8.35 7.45 7.24
C VAL A 350 7.94 8.06 5.91
N LYS A 351 7.16 7.28 5.15
CA LYS A 351 6.77 7.67 3.80
C LYS A 351 5.36 8.26 3.74
N TRP A 352 4.61 8.18 4.83
CA TRP A 352 3.22 8.61 4.94
C TRP A 352 2.82 8.56 6.41
N SER A 353 1.90 9.45 6.80
CA SER A 353 1.52 9.57 8.19
C SER A 353 0.05 9.96 8.33
N PRO A 354 -0.68 9.35 9.25
CA PRO A 354 -2.01 9.87 9.58
C PRO A 354 -1.88 11.22 10.27
N GLN A 355 -1.79 12.27 9.45
CA GLN A 355 -1.45 13.61 9.91
C GLN A 355 -2.39 14.09 10.99
N GLU A 356 -3.70 14.00 10.76
CA GLU A 356 -4.69 14.44 11.75
C GLU A 356 -4.46 13.75 13.08
N GLN A 357 -4.37 12.42 13.05
CA GLN A 357 -4.00 11.66 14.23
C GLN A 357 -2.71 12.19 14.84
N VAL A 358 -1.60 12.06 14.10
CA VAL A 358 -0.31 12.46 14.64
C VAL A 358 -0.38 13.83 15.26
N LEU A 359 -1.11 14.74 14.60
CA LEU A 359 -1.23 16.11 15.08
C LEU A 359 -1.97 16.20 16.41
N SER A 360 -2.77 15.19 16.73
CA SER A 360 -3.51 15.18 17.99
C SER A 360 -2.73 14.53 19.12
N HIS A 361 -1.41 14.37 18.98
CA HIS A 361 -0.62 13.67 19.99
C HIS A 361 0.11 14.63 20.92
N GLN A 362 0.22 14.21 22.20
CA GLN A 362 0.87 15.00 23.24
C GLN A 362 2.38 14.96 23.12
N SER A 363 2.92 13.86 22.58
CA SER A 363 4.36 13.80 22.32
C SER A 363 4.83 14.97 21.48
N LEU A 364 4.00 15.47 20.55
CA LEU A 364 4.47 16.48 19.58
C LEU A 364 4.92 17.74 20.29
N ALA A 365 6.08 18.24 19.90
CA ALA A 365 6.57 19.51 20.43
C ALA A 365 6.30 20.68 19.51
N CYS A 366 6.30 20.44 18.18
CA CYS A 366 6.12 21.48 17.19
C CYS A 366 5.80 20.82 15.85
N PHE A 367 5.60 21.66 14.84
CA PHE A 367 5.18 21.22 13.50
C PHE A 367 5.95 22.03 12.47
N VAL A 368 6.90 21.39 11.77
CA VAL A 368 7.55 22.00 10.62
C VAL A 368 6.66 21.76 9.40
N THR A 369 6.14 22.83 8.84
CA THR A 369 5.09 22.66 7.85
C THR A 369 5.36 23.58 6.67
N HIS A 370 4.83 23.17 5.53
CA HIS A 370 4.71 23.98 4.34
C HIS A 370 3.50 24.94 4.35
N CYS A 371 2.70 24.95 5.42
CA CYS A 371 1.71 26.02 5.61
C CYS A 371 0.63 26.08 4.52
N GLY A 372 0.15 24.93 4.04
CA GLY A 372 -1.14 24.89 3.35
C GLY A 372 -2.28 25.34 4.27
N TRP A 373 -3.43 25.64 3.66
CA TRP A 373 -4.50 26.14 4.54
C TRP A 373 -4.96 25.07 5.51
N ASN A 374 -5.31 23.89 4.98
CA ASN A 374 -5.76 22.80 5.84
C ASN A 374 -4.71 22.40 6.88
N SER A 375 -3.41 22.50 6.54
CA SER A 375 -2.34 22.17 7.48
C SER A 375 -2.20 23.21 8.57
N SER A 376 -2.35 24.50 8.20
CA SER A 376 -2.36 25.59 9.17
C SER A 376 -3.55 25.43 10.13
N MET A 377 -4.69 24.99 9.61
CA MET A 377 -5.86 24.84 10.45
C MET A 377 -5.80 23.57 11.29
N GLU A 378 -5.09 22.54 10.81
CA GLU A 378 -4.95 21.32 11.59
C GLU A 378 -3.95 21.52 12.72
N ALA A 379 -3.00 22.42 12.51
CA ALA A 379 -2.08 22.79 13.57
C ALA A 379 -2.79 23.64 14.60
N LEU A 380 -3.61 24.59 14.11
CA LEU A 380 -4.35 25.50 15.00
C LEU A 380 -5.32 24.75 15.90
N ALA A 381 -6.17 23.93 15.29
CA ALA A 381 -7.23 23.24 15.98
C ALA A 381 -6.69 22.22 16.97
N ASN A 382 -5.46 21.76 16.77
CA ASN A 382 -4.90 20.74 17.63
C ASN A 382 -3.99 21.30 18.72
N GLY A 383 -3.66 22.59 18.68
CA GLY A 383 -2.92 23.24 19.75
C GLY A 383 -1.40 23.18 19.66
N ILE A 384 -0.81 22.97 18.48
CA ILE A 384 0.63 22.73 18.32
C ILE A 384 1.34 23.93 17.66
N ARG A 385 2.47 24.32 18.24
CA ARG A 385 3.31 25.39 17.70
C ARG A 385 3.87 24.98 16.33
N VAL A 386 4.15 25.98 15.46
CA VAL A 386 4.57 25.72 14.09
C VAL A 386 5.95 26.31 13.79
N VAL A 387 6.63 25.71 12.81
CA VAL A 387 7.90 26.21 12.22
C VAL A 387 7.65 26.37 10.71
N THR A 388 7.57 27.62 10.21
CA THR A 388 7.01 27.85 8.88
C THR A 388 8.06 27.74 7.78
N LEU A 389 7.81 26.82 6.84
CA LEU A 389 8.55 26.73 5.60
C LEU A 389 7.58 26.90 4.42
N PRO A 390 7.04 28.10 4.22
CA PRO A 390 6.21 28.32 3.02
C PRO A 390 6.99 28.05 1.75
N GLN A 391 6.33 27.38 0.81
CA GLN A 391 6.84 27.22 -0.54
C GLN A 391 6.14 28.16 -1.52
N TRP A 392 4.83 28.01 -1.77
CA TRP A 392 4.22 28.78 -2.85
C TRP A 392 2.74 29.06 -2.55
N GLY A 393 2.07 29.67 -3.53
CA GLY A 393 0.65 29.96 -3.46
C GLY A 393 0.29 30.83 -2.26
N ASP A 394 -0.78 30.43 -1.57
CA ASP A 394 -1.21 31.08 -0.34
C ASP A 394 -0.44 30.64 0.91
N GLN A 395 0.53 29.73 0.79
CA GLN A 395 1.31 29.28 1.95
C GLN A 395 2.14 30.40 2.56
N VAL A 396 2.37 31.47 1.78
CA VAL A 396 3.15 32.61 2.27
C VAL A 396 2.29 33.57 3.08
N THR A 397 1.00 33.67 2.73
CA THR A 397 0.04 34.40 3.55
C THR A 397 -0.21 33.67 4.89
N ASN A 398 -0.61 32.40 4.82
CA ASN A 398 -0.87 31.66 6.05
C ASN A 398 0.33 31.69 6.99
N ALA A 399 1.56 31.66 6.41
CA ALA A 399 2.77 31.71 7.23
C ALA A 399 2.90 33.07 7.93
N LYS A 400 2.65 34.17 7.19
CA LYS A 400 2.53 35.49 7.81
C LYS A 400 1.50 35.49 8.94
N PHE A 401 0.43 34.71 8.78
CA PHE A 401 -0.62 34.68 9.81
C PHE A 401 -0.21 33.82 11.01
N LEU A 402 0.24 32.59 10.77
CA LEU A 402 0.68 31.74 11.87
C LEU A 402 1.67 32.48 12.77
N VAL A 403 2.62 33.20 12.16
CA VAL A 403 3.69 33.78 12.96
C VAL A 403 3.21 35.03 13.68
N ASP A 404 2.81 36.04 12.93
CA ASP A 404 2.61 37.40 13.46
C ASP A 404 1.16 37.71 13.86
N VAL A 405 0.21 36.80 13.59
CA VAL A 405 -1.20 37.10 13.84
C VAL A 405 -1.77 36.14 14.88
N PHE A 406 -2.03 34.89 14.46
CA PHE A 406 -2.40 33.84 15.40
C PHE A 406 -1.33 33.60 16.47
N GLY A 407 -0.07 33.96 16.20
CA GLY A 407 1.00 33.94 17.19
C GLY A 407 1.54 32.59 17.60
N VAL A 408 1.34 31.57 16.78
CA VAL A 408 1.60 30.19 17.18
C VAL A 408 2.94 29.65 16.63
N GLY A 409 3.92 30.50 16.29
CA GLY A 409 5.22 29.90 16.02
C GLY A 409 6.19 30.82 15.29
N VAL A 410 7.17 30.15 14.65
CA VAL A 410 8.40 30.80 14.17
C VAL A 410 8.57 30.62 12.66
N ARG A 411 9.10 31.67 12.04
CA ARG A 411 9.32 31.73 10.59
C ARG A 411 10.70 31.18 10.22
N LEU A 412 10.73 30.13 9.37
CA LEU A 412 11.99 29.55 8.86
C LEU A 412 12.42 30.06 7.48
N SER A 413 11.48 30.26 6.56
CA SER A 413 11.73 30.72 5.19
C SER A 413 10.60 31.65 4.75
N ARG A 414 10.84 32.39 3.65
CA ARG A 414 9.90 33.35 3.10
C ARG A 414 9.30 32.93 1.76
N GLY A 415 9.69 31.79 1.19
CA GLY A 415 9.02 31.22 0.04
C GLY A 415 9.87 31.25 -1.22
N ASP A 416 9.27 30.74 -2.31
CA ASP A 416 9.96 30.59 -3.60
C ASP A 416 10.65 31.88 -4.04
N LEU A 417 9.97 33.02 -3.93
CA LEU A 417 10.58 34.30 -4.34
C LEU A 417 11.83 34.60 -3.54
N GLU A 418 11.94 34.07 -2.32
CA GLU A 418 13.19 34.16 -1.55
C GLU A 418 14.26 33.29 -2.19
N ASP A 419 13.91 32.06 -2.56
CA ASP A 419 14.81 31.06 -3.16
C ASP A 419 16.18 31.07 -2.49
N ARG A 420 16.15 30.97 -1.17
CA ARG A 420 17.36 30.92 -0.36
C ARG A 420 17.36 29.60 0.38
N ILE A 421 18.28 28.72 0.04
CA ILE A 421 18.45 27.50 0.83
C ILE A 421 18.73 27.90 2.26
N ILE A 422 17.89 27.43 3.18
CA ILE A 422 18.02 27.84 4.58
C ILE A 422 19.09 26.99 5.24
N PRO A 423 20.12 27.59 5.83
CA PRO A 423 21.20 26.78 6.39
C PRO A 423 20.78 26.12 7.70
N ARG A 424 21.34 24.93 7.93
CA ARG A 424 21.00 24.15 9.13
C ARG A 424 21.13 24.99 10.40
N GLU A 425 22.10 25.91 10.45
CA GLU A 425 22.26 26.75 11.62
C GLU A 425 20.94 27.44 12.00
N GLU A 426 20.21 27.96 10.99
CA GLU A 426 18.98 28.70 11.27
C GLU A 426 17.86 27.76 11.70
N ILE A 427 17.71 26.64 11.00
CA ILE A 427 16.73 25.63 11.40
C ILE A 427 16.92 25.25 12.87
N GLU A 428 18.15 24.95 13.27
CA GLU A 428 18.42 24.64 14.67
C GLU A 428 18.03 25.79 15.58
N LEU A 429 18.18 27.03 15.12
CA LEU A 429 17.76 28.16 15.96
C LEU A 429 16.24 28.18 16.17
N ARG A 430 15.46 27.98 15.11
CA ARG A 430 14.01 28.02 15.21
C ARG A 430 13.48 26.79 15.96
N LEU A 431 14.19 25.66 15.85
CA LEU A 431 13.77 24.52 16.65
C LEU A 431 13.99 24.80 18.14
N LEU A 432 15.12 25.42 18.48
CA LEU A 432 15.30 25.90 19.85
C LEU A 432 14.27 26.96 20.23
N GLU A 433 14.00 27.92 19.34
CA GLU A 433 13.12 29.04 19.69
C GLU A 433 11.71 28.54 20.04
N VAL A 434 11.24 27.53 19.31
CA VAL A 434 9.86 27.12 19.37
C VAL A 434 9.57 26.07 20.45
N THR A 435 10.62 25.44 21.03
CA THR A 435 10.47 24.37 22.02
C THR A 435 11.10 24.67 23.37
N SER A 436 12.13 25.49 23.43
CA SER A 436 12.78 25.81 24.69
C SER A 436 12.79 27.29 24.99
N GLY A 437 12.73 28.15 23.97
CA GLY A 437 13.02 29.56 24.10
C GLY A 437 11.94 30.36 24.80
N GLU A 438 12.22 31.67 24.95
CA GLU A 438 11.49 32.52 25.88
C GLU A 438 10.00 32.62 25.56
N LYS A 439 9.63 32.53 24.30
CA LYS A 439 8.23 32.55 23.91
C LYS A 439 7.66 31.16 23.72
N ALA A 440 8.48 30.12 23.86
CA ALA A 440 8.03 28.79 23.49
C ALA A 440 6.73 28.44 24.19
N THR A 441 6.60 28.83 25.45
CA THR A 441 5.35 28.55 26.14
C THR A 441 4.26 29.59 25.82
N GLU A 442 4.62 30.85 25.51
CA GLU A 442 3.57 31.77 25.09
C GLU A 442 2.97 31.38 23.74
N MET A 443 3.76 30.81 22.84
CA MET A 443 3.15 30.33 21.59
C MET A 443 2.37 29.05 21.82
N LYS A 444 2.79 28.25 22.83
CA LYS A 444 2.01 27.10 23.27
C LYS A 444 0.66 27.56 23.81
N HIS A 445 0.68 28.50 24.75
CA HIS A 445 -0.55 29.14 25.22
C HIS A 445 -1.42 29.55 24.03
N ASN A 446 -0.91 30.46 23.17
CA ASN A 446 -1.67 30.94 22.01
C ASN A 446 -2.18 29.78 21.18
N ALA A 447 -1.38 28.71 21.08
CA ALA A 447 -1.83 27.53 20.35
C ALA A 447 -3.05 26.91 21.02
N LEU A 448 -2.97 26.65 22.32
CA LEU A 448 -4.05 25.92 22.97
C LEU A 448 -5.32 26.77 23.06
N ARG A 449 -5.23 28.08 22.84
CA ARG A 449 -6.44 28.90 22.79
C ARG A 449 -7.12 28.85 21.41
N TRP A 450 -6.36 28.78 20.31
CA TRP A 450 -7.01 28.61 19.01
C TRP A 450 -7.58 27.22 18.85
N LYS A 451 -7.13 26.27 19.68
CA LYS A 451 -7.70 24.94 19.66
C LYS A 451 -9.00 24.91 20.45
N LYS A 452 -9.06 25.66 21.55
CA LYS A 452 -10.33 25.88 22.25
C LYS A 452 -11.38 26.46 21.30
N ALA A 453 -11.09 27.64 20.73
CA ALA A 453 -12.06 28.30 19.83
C ALA A 453 -12.45 27.43 18.65
N ALA A 454 -11.54 26.57 18.17
CA ALA A 454 -11.90 25.71 17.04
C ALA A 454 -12.95 24.70 17.45
N GLU A 455 -12.81 24.11 18.65
CA GLU A 455 -13.77 23.10 19.09
C GLU A 455 -15.12 23.74 19.45
N GLU A 456 -15.11 25.01 19.87
CA GLU A 456 -16.36 25.74 20.08
C GLU A 456 -17.05 26.11 18.76
N ALA A 457 -16.28 26.51 17.75
CA ALA A 457 -16.85 26.79 16.45
C ALA A 457 -17.62 25.59 15.92
N VAL A 458 -17.12 24.38 16.16
CA VAL A 458 -17.70 23.22 15.54
C VAL A 458 -18.73 22.53 16.43
N ALA A 459 -18.76 22.87 17.72
CA ALA A 459 -19.75 22.35 18.68
C ALA A 459 -21.19 22.60 18.21
N LYS A 460 -22.17 22.16 19.01
CA LYS A 460 -23.53 22.02 18.50
C LYS A 460 -24.13 23.34 18.04
N ASP A 461 -24.15 24.36 18.91
CA ASP A 461 -24.66 25.68 18.53
C ASP A 461 -23.51 26.68 18.36
N GLY A 462 -22.46 26.26 17.66
CA GLY A 462 -21.35 27.13 17.35
C GLY A 462 -21.46 27.74 15.96
N SER A 463 -20.71 28.83 15.77
CA SER A 463 -20.77 29.63 14.55
C SER A 463 -20.64 28.77 13.30
N SER A 464 -19.69 27.85 13.28
CA SER A 464 -19.45 27.08 12.07
C SER A 464 -20.59 26.13 11.79
N SER A 465 -21.19 25.57 12.83
CA SER A 465 -22.25 24.61 12.61
C SER A 465 -23.55 25.29 12.19
N LYS A 466 -23.93 26.39 12.85
CA LYS A 466 -25.15 27.08 12.44
C LYS A 466 -24.99 27.79 11.10
N ASN A 467 -23.77 28.09 10.67
CA ASN A 467 -23.64 28.54 9.29
C ASN A 467 -23.98 27.41 8.32
N LEU A 468 -23.69 26.17 8.69
CA LEU A 468 -24.05 25.04 7.84
C LEU A 468 -25.56 24.87 7.77
N GLN A 469 -26.20 24.65 8.93
CA GLN A 469 -27.64 24.44 8.95
C GLN A 469 -28.40 25.57 8.25
N GLU A 470 -28.00 26.83 8.49
CA GLU A 470 -28.64 27.97 7.84
C GLU A 470 -28.60 27.85 6.33
N PHE A 471 -27.40 27.62 5.79
CA PHE A 471 -27.22 27.44 4.35
C PHE A 471 -28.08 26.28 3.85
N VAL A 472 -28.18 25.21 4.65
CA VAL A 472 -29.13 24.14 4.34
C VAL A 472 -30.57 24.65 4.47
N ASP A 473 -30.82 25.52 5.45
CA ASP A 473 -32.13 26.12 5.61
C ASP A 473 -32.47 27.03 4.43
N GLU A 474 -31.47 27.67 3.83
CA GLU A 474 -31.73 28.50 2.65
C GLU A 474 -32.12 27.64 1.45
N LEU A 475 -31.54 26.45 1.34
CA LEU A 475 -31.77 25.63 0.15
C LEU A 475 -33.23 25.23 0.03
N ASN A 476 -33.90 25.04 1.16
CA ASN A 476 -35.31 24.71 1.15
C ASN A 476 -36.16 25.92 0.76
N ASN A 477 -35.81 27.10 1.25
CA ASN A 477 -36.63 28.27 1.02
C ASN A 477 -36.71 28.63 -0.48
N PHE A 478 -35.66 28.36 -1.25
CA PHE A 478 -35.79 28.41 -2.70
C PHE A 478 -36.88 27.45 -3.17
N ARG A 479 -36.79 26.20 -2.71
CA ARG A 479 -37.73 25.13 -3.09
C ARG A 479 -39.19 25.46 -2.77
N HIS B 16 -6.95 -10.49 17.21
CA HIS B 16 -5.51 -10.39 17.08
C HIS B 16 -4.90 -11.77 16.85
N VAL B 17 -4.31 -11.96 15.68
CA VAL B 17 -3.63 -13.20 15.33
C VAL B 17 -2.14 -12.96 15.34
N PHE B 18 -1.39 -13.99 15.72
CA PHE B 18 0.08 -13.92 15.77
C PHE B 18 0.66 -14.90 14.75
N LEU B 19 1.16 -14.38 13.63
CA LEU B 19 1.76 -15.19 12.58
C LEU B 19 3.28 -15.19 12.76
N VAL B 20 3.84 -16.31 13.20
CA VAL B 20 5.29 -16.46 13.35
C VAL B 20 5.78 -17.46 12.30
N SER B 21 6.98 -17.21 11.77
CA SER B 21 7.54 -18.02 10.70
C SER B 21 8.97 -18.40 11.01
N ALA B 22 9.39 -19.52 10.43
CA ALA B 22 10.79 -19.91 10.45
C ALA B 22 11.60 -19.00 9.52
N PRO B 23 12.90 -18.86 9.77
CA PRO B 23 13.75 -18.13 8.83
C PRO B 23 13.79 -18.82 7.48
N GLY B 24 14.24 -18.07 6.48
CA GLY B 24 14.37 -18.56 5.12
C GLY B 24 13.30 -17.97 4.22
N GLN B 25 13.72 -17.62 3.00
CA GLN B 25 12.81 -16.98 2.05
C GLN B 25 11.58 -17.85 1.79
N GLY B 26 11.79 -19.13 1.50
CA GLY B 26 10.68 -20.02 1.19
C GLY B 26 9.74 -20.27 2.35
N ASN B 27 10.07 -19.78 3.54
CA ASN B 27 9.18 -19.84 4.69
C ASN B 27 8.45 -18.53 4.94
N VAL B 28 9.05 -17.40 4.55
CA VAL B 28 8.57 -16.07 4.97
C VAL B 28 7.56 -15.50 3.98
N THR B 29 7.86 -15.56 2.68
CA THR B 29 6.91 -14.99 1.73
C THR B 29 5.57 -15.72 1.74
N PRO B 30 5.48 -17.05 1.94
CA PRO B 30 4.15 -17.64 2.19
C PRO B 30 3.47 -17.10 3.45
N MET B 31 4.22 -16.90 4.54
CA MET B 31 3.57 -16.38 5.75
C MET B 31 3.09 -14.96 5.54
N LEU B 32 3.87 -14.14 4.85
CA LEU B 32 3.46 -12.77 4.54
C LEU B 32 2.15 -12.75 3.77
N ARG B 33 2.00 -13.64 2.79
CA ARG B 33 0.82 -13.58 1.94
C ARG B 33 -0.41 -14.15 2.62
N LEU B 34 -0.21 -15.12 3.53
CA LEU B 34 -1.26 -15.44 4.49
C LEU B 34 -1.55 -14.23 5.37
N ALA B 35 -0.51 -13.52 5.80
CA ALA B 35 -0.72 -12.32 6.60
C ALA B 35 -1.49 -11.26 5.82
N LYS B 36 -1.14 -11.04 4.55
CA LYS B 36 -1.87 -10.08 3.72
C LYS B 36 -3.34 -10.43 3.66
N SER B 37 -3.65 -11.72 3.52
CA SER B 37 -5.04 -12.14 3.43
C SER B 37 -5.79 -11.85 4.73
N LEU B 38 -5.16 -12.13 5.88
CA LEU B 38 -5.89 -12.10 7.14
C LEU B 38 -6.26 -10.68 7.54
N ALA B 39 -5.29 -9.76 7.48
CA ALA B 39 -5.59 -8.37 7.80
C ALA B 39 -6.58 -7.77 6.80
N SER B 40 -6.57 -8.25 5.56
CA SER B 40 -7.51 -7.75 4.56
C SER B 40 -8.96 -8.01 4.95
N LYS B 41 -9.20 -8.91 5.91
CA LYS B 41 -10.54 -9.19 6.40
C LYS B 41 -10.95 -8.31 7.58
N GLY B 42 -9.99 -7.63 8.21
CA GLY B 42 -10.23 -6.87 9.42
C GLY B 42 -9.38 -7.31 10.60
N LEU B 43 -8.69 -8.44 10.49
CA LEU B 43 -7.95 -8.98 11.62
C LEU B 43 -6.70 -8.16 11.89
N LEU B 44 -6.37 -8.05 13.18
CA LEU B 44 -5.12 -7.44 13.61
C LEU B 44 -4.03 -8.50 13.49
N VAL B 45 -3.20 -8.39 12.47
CA VAL B 45 -2.23 -9.42 12.10
C VAL B 45 -0.82 -8.93 12.41
N THR B 46 -0.14 -9.64 13.28
CA THR B 46 1.27 -9.39 13.61
C THR B 46 2.12 -10.48 12.99
N PHE B 47 3.11 -10.09 12.17
CA PHE B 47 4.09 -11.02 11.61
C PHE B 47 5.39 -10.97 12.41
N SER B 48 5.92 -12.15 12.74
CA SER B 48 7.13 -12.33 13.51
C SER B 48 8.11 -13.20 12.73
N THR B 49 9.39 -13.05 13.04
CA THR B 49 10.44 -13.89 12.46
C THR B 49 11.71 -13.66 13.31
N PRO B 50 12.76 -14.51 13.20
CA PRO B 50 13.94 -14.31 14.06
C PRO B 50 14.76 -13.06 13.75
N GLU B 51 15.92 -12.96 14.40
CA GLU B 51 16.68 -11.71 14.44
C GLU B 51 17.41 -11.41 13.12
N SER B 52 18.18 -12.37 12.60
CA SER B 52 19.01 -12.06 11.45
C SER B 52 18.19 -11.95 10.19
N TYR B 53 17.27 -12.90 9.97
CA TYR B 53 16.45 -12.84 8.77
C TYR B 53 15.51 -11.63 8.81
N GLY B 54 15.02 -11.26 9.99
CA GLY B 54 14.16 -10.09 10.08
C GLY B 54 14.88 -8.80 9.77
N LYS B 55 16.17 -8.72 10.12
CA LYS B 55 16.90 -7.48 9.88
C LYS B 55 17.26 -7.34 8.40
N GLU B 56 17.69 -8.44 7.76
CA GLU B 56 17.86 -8.39 6.31
C GLU B 56 16.53 -8.24 5.58
N MET B 57 15.42 -8.58 6.23
CA MET B 57 14.12 -8.22 5.68
C MET B 57 13.95 -6.71 5.63
N ARG B 58 14.49 -6.00 6.63
CA ARG B 58 14.40 -4.55 6.65
C ARG B 58 15.28 -3.91 5.58
N LYS B 59 16.36 -4.58 5.18
CA LYS B 59 17.33 -3.97 4.26
C LYS B 59 16.79 -3.92 2.83
N THR B 60 16.15 -4.98 2.36
CA THR B 60 15.67 -5.06 0.98
C THR B 60 14.18 -4.73 0.86
N ASN B 61 13.60 -4.09 1.85
CA ASN B 61 12.20 -3.67 1.76
C ASN B 61 11.93 -2.49 2.67
N PRO B 68 4.40 -0.72 9.04
CA PRO B 68 3.18 0.00 9.42
C PRO B 68 2.19 0.00 8.27
N ILE B 69 1.86 -1.18 7.75
CA ILE B 69 1.18 -1.32 6.47
C ILE B 69 -0.27 -1.71 6.71
N LEU B 70 -1.18 -0.94 6.11
CA LEU B 70 -2.61 -1.16 6.17
C LEU B 70 -3.09 -1.71 4.83
N ILE B 71 -3.93 -2.74 4.87
CA ILE B 71 -4.47 -3.33 3.64
C ILE B 71 -5.95 -3.61 3.86
N GLY B 72 -6.78 -3.12 2.92
CA GLY B 72 -8.22 -3.20 3.10
C GLY B 72 -8.63 -2.45 4.35
N GLU B 73 -9.35 -3.14 5.22
CA GLU B 73 -9.67 -2.56 6.53
C GLU B 73 -8.48 -2.64 7.48
N GLY B 74 -7.77 -3.76 7.48
CA GLY B 74 -6.84 -4.09 8.53
C GLY B 74 -5.39 -3.77 8.18
N SER B 75 -4.49 -4.34 8.99
CA SER B 75 -3.11 -3.90 9.02
C SER B 75 -2.17 -5.05 9.39
N ILE B 76 -0.95 -4.99 8.86
CA ILE B 76 0.11 -5.93 9.20
C ILE B 76 1.11 -5.20 10.10
N ARG B 77 1.24 -5.66 11.36
CA ARG B 77 2.26 -5.14 12.24
C ARG B 77 3.51 -6.01 12.15
N PHE B 78 4.51 -5.71 12.96
CA PHE B 78 5.78 -6.41 12.90
C PHE B 78 6.43 -6.40 14.27
N GLU B 79 6.75 -7.59 14.79
CA GLU B 79 7.60 -7.68 15.97
C GLU B 79 8.39 -8.97 15.83
N PHE B 80 9.63 -8.86 15.37
CA PHE B 80 10.48 -10.03 15.25
C PHE B 80 10.74 -10.60 16.64
N LEU B 81 10.71 -11.93 16.73
CA LEU B 81 11.12 -12.61 17.94
C LEU B 81 12.57 -12.24 18.28
N ASP B 82 12.80 -11.92 19.54
CA ASP B 82 14.18 -11.71 19.99
C ASP B 82 14.88 -13.06 20.03
N ASP B 83 15.85 -13.25 19.15
CA ASP B 83 16.47 -14.55 18.94
C ASP B 83 17.73 -14.75 19.79
N GLU B 84 18.49 -13.67 20.04
CA GLU B 84 19.62 -13.65 20.98
C GLU B 84 20.71 -14.68 20.65
N TRP B 85 21.09 -14.75 19.38
CA TRP B 85 22.07 -15.74 18.93
C TRP B 85 23.18 -15.03 18.15
N ASP B 86 24.42 -15.20 18.59
CA ASP B 86 25.53 -14.48 17.97
C ASP B 86 26.31 -15.41 17.04
N GLU B 87 27.12 -14.79 16.17
CA GLU B 87 27.86 -15.52 15.13
C GLU B 87 28.68 -16.68 15.69
N ASN B 88 28.83 -16.72 17.02
CA ASN B 88 29.37 -17.87 17.75
C ASN B 88 30.74 -18.27 17.22
N LEU B 95 23.03 -26.03 10.80
CA LEU B 95 21.60 -25.72 10.89
C LEU B 95 21.03 -26.30 12.17
N ASP B 96 21.56 -27.46 12.58
CA ASP B 96 21.08 -28.12 13.78
C ASP B 96 21.46 -27.33 15.03
N ALA B 97 22.67 -26.77 15.06
CA ALA B 97 23.05 -25.95 16.20
C ALA B 97 22.10 -24.78 16.39
N TYR B 98 21.63 -24.19 15.29
CA TYR B 98 20.75 -23.02 15.38
C TYR B 98 19.39 -23.39 15.96
N ALA B 99 18.76 -24.43 15.40
CA ALA B 99 17.45 -24.86 15.89
C ALA B 99 17.50 -25.15 17.38
N THR B 100 18.61 -25.75 17.84
CA THR B 100 18.87 -25.93 19.26
C THR B 100 18.54 -24.69 20.07
N HIS B 101 19.03 -23.55 19.60
CA HIS B 101 18.91 -22.29 20.32
C HIS B 101 17.58 -21.62 20.04
N LEU B 102 17.20 -21.50 18.77
CA LEU B 102 15.95 -20.86 18.41
C LEU B 102 14.80 -21.49 19.17
N GLU B 103 14.77 -22.81 19.20
CA GLU B 103 13.94 -23.53 20.17
C GLU B 103 14.10 -22.95 21.57
N ARG B 104 15.32 -23.01 22.12
CA ARG B 104 15.51 -22.61 23.52
C ARG B 104 15.03 -21.18 23.78
N VAL B 105 15.51 -20.22 22.98
CA VAL B 105 15.21 -18.82 23.28
C VAL B 105 13.76 -18.48 22.94
N GLY B 106 13.17 -19.19 21.98
CA GLY B 106 11.79 -18.91 21.61
C GLY B 106 10.80 -19.24 22.71
N LYS B 107 10.90 -20.44 23.29
CA LYS B 107 9.98 -20.78 24.36
C LYS B 107 10.12 -19.86 25.57
N GLN B 108 11.21 -19.10 25.64
CA GLN B 108 11.43 -18.20 26.76
C GLN B 108 10.98 -16.77 26.48
N ASN B 109 11.05 -16.32 25.23
CA ASN B 109 10.74 -14.94 24.89
C ASN B 109 9.39 -14.75 24.23
N LEU B 110 8.87 -15.78 23.57
CA LEU B 110 7.52 -15.66 23.00
C LEU B 110 6.44 -15.44 24.06
N PRO B 111 6.41 -16.16 25.19
CA PRO B 111 5.36 -15.87 26.18
C PRO B 111 5.47 -14.48 26.77
N ARG B 112 6.70 -13.96 26.90
CA ARG B 112 6.91 -12.58 27.33
C ARG B 112 6.16 -11.60 26.43
N MET B 113 6.43 -11.67 25.11
CA MET B 113 5.80 -10.76 24.17
C MET B 113 4.28 -10.91 24.17
N PHE B 114 3.79 -12.15 24.22
CA PHE B 114 2.37 -12.37 24.37
C PHE B 114 1.84 -11.75 25.65
N LYS B 115 2.44 -12.13 26.79
CA LYS B 115 1.99 -11.61 28.09
C LYS B 115 2.01 -10.08 28.09
N LYS B 116 2.85 -9.48 27.25
CA LYS B 116 2.80 -8.04 27.09
C LYS B 116 1.51 -7.60 26.43
N HIS B 117 1.09 -8.31 25.38
CA HIS B 117 -0.02 -7.83 24.56
C HIS B 117 -1.36 -7.95 25.29
N GLU B 118 -1.51 -8.95 26.16
CA GLU B 118 -2.74 -9.05 26.96
C GLU B 118 -2.84 -7.94 27.99
N GLU B 119 -1.74 -7.27 28.31
CA GLU B 119 -1.71 -6.12 29.19
C GLU B 119 -1.84 -4.81 28.44
N GLU B 120 -1.90 -4.84 27.11
CA GLU B 120 -2.13 -3.65 26.30
C GLU B 120 -3.38 -3.80 25.43
N GLY B 121 -4.37 -4.52 25.93
CA GLY B 121 -5.70 -4.58 25.33
C GLY B 121 -5.80 -5.26 23.98
N ARG B 122 -4.75 -5.91 23.51
CA ARG B 122 -4.78 -6.64 22.23
C ARG B 122 -4.32 -8.07 22.47
N PRO B 123 -5.09 -8.87 23.21
CA PRO B 123 -4.70 -10.26 23.43
C PRO B 123 -4.69 -11.05 22.14
N ILE B 124 -3.91 -12.14 22.13
CA ILE B 124 -3.74 -12.95 20.93
C ILE B 124 -4.88 -13.96 20.83
N SER B 125 -5.52 -14.03 19.66
CA SER B 125 -6.60 -14.98 19.49
C SER B 125 -6.15 -16.29 18.88
N CYS B 126 -4.96 -16.32 18.28
CA CYS B 126 -4.43 -17.54 17.69
C CYS B 126 -3.01 -17.28 17.24
N ILE B 127 -2.25 -18.35 17.15
CA ILE B 127 -0.92 -18.33 16.56
C ILE B 127 -0.91 -19.29 15.39
N ILE B 128 -0.50 -18.79 14.22
CA ILE B 128 -0.21 -19.61 13.05
C ILE B 128 1.31 -19.68 12.90
N ASN B 129 1.83 -20.89 12.73
CA ASN B 129 3.24 -21.13 12.51
C ASN B 129 3.39 -22.02 11.28
N ASN B 130 4.63 -22.35 10.94
CA ASN B 130 4.94 -23.22 9.82
C ASN B 130 5.88 -24.31 10.29
N PRO B 131 5.97 -25.43 9.56
CA PRO B 131 6.59 -26.65 10.12
C PRO B 131 8.07 -26.56 10.51
N PHE B 132 8.84 -25.61 9.97
CA PHE B 132 10.23 -25.47 10.38
C PHE B 132 10.37 -24.56 11.59
N ILE B 133 9.29 -24.36 12.34
CA ILE B 133 9.33 -24.00 13.76
C ILE B 133 8.28 -24.85 14.49
N PRO B 134 8.46 -26.17 14.53
CA PRO B 134 7.36 -27.07 14.96
C PRO B 134 7.02 -27.01 16.43
N TRP B 135 7.87 -26.43 17.28
CA TRP B 135 7.61 -26.34 18.72
C TRP B 135 6.61 -25.25 19.09
N VAL B 136 6.24 -24.36 18.15
CA VAL B 136 5.32 -23.29 18.49
C VAL B 136 3.96 -23.80 19.00
N PRO B 137 3.32 -24.79 18.35
CA PRO B 137 2.06 -25.31 18.92
C PRO B 137 2.14 -25.67 20.39
N GLU B 138 3.31 -26.13 20.85
CA GLU B 138 3.52 -26.42 22.26
C GLU B 138 3.26 -25.19 23.12
N VAL B 139 3.90 -24.07 22.78
CA VAL B 139 3.75 -22.87 23.59
C VAL B 139 2.36 -22.27 23.47
N ALA B 140 1.53 -22.76 22.55
CA ALA B 140 0.13 -22.36 22.51
C ALA B 140 -0.73 -23.25 23.41
N GLU B 141 -0.39 -24.55 23.47
CA GLU B 141 -1.09 -25.48 24.35
C GLU B 141 -0.91 -25.07 25.80
N SER B 142 0.33 -24.79 26.18
CA SER B 142 0.59 -24.30 27.53
C SER B 142 -0.19 -23.02 27.80
N LEU B 143 0.09 -21.96 27.05
CA LEU B 143 -0.49 -20.64 27.31
C LEU B 143 -1.98 -20.56 26.99
N GLY B 144 -2.60 -21.69 26.65
CA GLY B 144 -4.01 -21.72 26.36
C GLY B 144 -4.41 -20.89 25.16
N ILE B 145 -3.59 -20.87 24.13
CA ILE B 145 -3.86 -20.11 22.92
C ILE B 145 -4.07 -21.07 21.75
N PRO B 146 -5.02 -20.81 20.85
CA PRO B 146 -5.20 -21.70 19.69
C PRO B 146 -4.02 -21.66 18.74
N SER B 147 -3.63 -22.86 18.27
CA SER B 147 -2.55 -23.04 17.31
C SER B 147 -3.12 -23.60 16.01
N ALA B 148 -2.78 -22.97 14.89
CA ALA B 148 -3.10 -23.51 13.58
C ALA B 148 -1.82 -23.57 12.74
N LEU B 149 -1.88 -24.35 11.67
CA LEU B 149 -0.70 -24.64 10.86
C LEU B 149 -0.89 -24.08 9.46
N LEU B 150 0.18 -23.44 8.93
CA LEU B 150 0.27 -23.07 7.52
C LEU B 150 1.21 -24.04 6.81
N TRP B 151 0.64 -24.90 5.98
CA TRP B 151 1.38 -25.89 5.21
C TRP B 151 1.75 -25.31 3.85
N VAL B 152 3.04 -25.32 3.54
CA VAL B 152 3.59 -24.56 2.43
C VAL B 152 3.75 -25.44 1.18
N GLN B 153 3.18 -26.64 1.19
CA GLN B 153 3.37 -27.57 0.09
C GLN B 153 2.03 -28.19 -0.26
N SER B 154 2.07 -29.23 -1.10
CA SER B 154 0.83 -29.83 -1.56
C SER B 154 0.12 -30.57 -0.41
N CYS B 155 -1.07 -31.11 -0.71
CA CYS B 155 -1.74 -32.01 0.22
C CYS B 155 -1.33 -33.45 0.02
N ALA B 156 -0.88 -33.80 -1.19
CA ALA B 156 -0.11 -35.03 -1.37
C ALA B 156 1.04 -35.09 -0.38
N SER B 157 1.78 -33.98 -0.28
CA SER B 157 2.93 -33.91 0.62
C SER B 157 2.51 -34.11 2.07
N PHE B 158 1.46 -33.40 2.50
CA PHE B 158 1.00 -33.52 3.88
C PHE B 158 0.65 -34.96 4.22
N SER B 159 -0.09 -35.62 3.33
CA SER B 159 -0.50 -37.00 3.58
C SER B 159 0.69 -37.93 3.67
N SER B 160 1.74 -37.64 2.88
CA SER B 160 2.98 -38.41 2.97
C SER B 160 3.60 -38.30 4.35
N TYR B 161 3.82 -37.06 4.82
CA TYR B 161 4.44 -36.85 6.12
C TYR B 161 3.57 -37.40 7.24
N TYR B 162 2.24 -37.24 7.11
CA TYR B 162 1.32 -37.68 8.16
C TYR B 162 1.28 -39.20 8.23
N HIS B 163 1.11 -39.84 7.07
CA HIS B 163 1.09 -41.30 7.04
C HIS B 163 2.43 -41.88 7.44
N PHE B 164 3.51 -41.11 7.25
CA PHE B 164 4.82 -41.60 7.65
C PHE B 164 4.96 -41.60 9.17
N PHE B 165 4.93 -40.42 9.78
CA PHE B 165 5.12 -40.34 11.23
C PHE B 165 4.15 -41.26 11.97
N ASN B 166 2.86 -41.22 11.62
CA ASN B 166 1.88 -42.13 12.21
C ASN B 166 2.02 -43.57 11.71
N ASP B 167 2.89 -43.82 10.75
CA ASP B 167 3.25 -45.18 10.33
C ASP B 167 2.04 -45.96 9.78
N LEU B 168 1.25 -45.34 8.91
CA LEU B 168 0.01 -45.97 8.50
C LEU B 168 0.10 -46.72 7.17
N VAL B 169 1.21 -46.60 6.45
CA VAL B 169 1.45 -47.32 5.20
C VAL B 169 2.95 -47.53 5.07
N SER B 170 3.34 -48.35 4.10
CA SER B 170 4.73 -48.81 3.97
C SER B 170 5.57 -47.84 3.13
N PHE B 171 6.74 -47.50 3.66
CA PHE B 171 7.71 -46.57 3.10
C PHE B 171 9.03 -47.29 2.82
N PRO B 172 9.96 -46.66 2.10
CA PRO B 172 11.29 -47.26 1.98
C PRO B 172 11.95 -47.38 3.35
N THR B 173 12.82 -48.38 3.48
CA THR B 173 13.59 -48.60 4.70
C THR B 173 15.00 -49.04 4.28
N GLU B 174 16.01 -48.71 5.10
CA GLU B 174 17.39 -49.14 4.85
C GLU B 174 17.41 -50.57 4.33
N SER B 175 16.59 -51.41 4.96
CA SER B 175 16.36 -52.80 4.60
C SER B 175 15.68 -52.99 3.24
N ASN B 176 14.94 -51.97 2.71
CA ASN B 176 14.32 -52.06 1.37
C ASN B 176 14.20 -50.66 0.79
N LEU B 177 15.18 -50.25 -0.03
CA LEU B 177 15.25 -48.84 -0.38
C LEU B 177 14.40 -48.48 -1.60
N LYS B 178 14.19 -49.39 -2.54
CA LYS B 178 13.36 -49.07 -3.69
C LYS B 178 11.87 -49.42 -3.51
N LYS B 179 11.39 -49.47 -2.28
CA LYS B 179 9.98 -49.80 -2.04
C LYS B 179 9.02 -48.72 -2.59
N ASP B 180 8.05 -49.15 -3.39
CA ASP B 180 6.93 -48.32 -3.79
C ASP B 180 6.05 -47.94 -2.57
N VAL B 181 5.19 -46.94 -2.78
CA VAL B 181 4.41 -46.36 -1.69
C VAL B 181 2.97 -46.15 -2.16
N CYS B 182 2.02 -46.79 -1.46
CA CYS B 182 0.61 -46.80 -1.85
C CYS B 182 -0.19 -46.04 -0.79
N LEU B 183 -0.49 -44.76 -1.07
CA LEU B 183 -1.20 -43.89 -0.14
C LEU B 183 -2.65 -43.69 -0.59
N PRO B 184 -3.58 -43.62 0.36
CA PRO B 184 -4.99 -43.40 0.03
C PRO B 184 -5.19 -42.14 -0.82
N SER B 185 -5.92 -42.30 -1.92
CA SER B 185 -6.29 -41.21 -2.81
C SER B 185 -5.06 -40.51 -3.43
N MET B 186 -3.93 -41.19 -3.48
CA MET B 186 -2.78 -40.71 -4.22
C MET B 186 -2.38 -41.76 -5.25
N PRO B 187 -1.90 -41.33 -6.42
CA PRO B 187 -1.23 -42.30 -7.30
C PRO B 187 -0.07 -42.96 -6.55
N MET B 188 0.20 -44.22 -6.87
CA MET B 188 1.35 -44.90 -6.29
C MET B 188 2.64 -44.12 -6.55
N LEU B 189 3.36 -43.85 -5.47
CA LEU B 189 4.68 -43.22 -5.52
C LEU B 189 5.76 -44.28 -5.43
N LYS B 190 6.73 -44.18 -6.34
CA LYS B 190 8.00 -44.90 -6.25
C LYS B 190 8.83 -44.35 -5.09
N TYR B 191 9.94 -45.05 -4.81
CA TYR B 191 10.76 -44.66 -3.66
C TYR B 191 11.29 -43.24 -3.81
N ASP B 192 11.60 -42.80 -5.03
CA ASP B 192 12.19 -41.48 -5.25
C ASP B 192 11.16 -40.43 -5.63
N GLU B 193 9.88 -40.72 -5.44
CA GLU B 193 8.82 -39.74 -5.67
C GLU B 193 8.20 -39.19 -4.40
N VAL B 194 8.45 -39.84 -3.26
CA VAL B 194 8.02 -39.34 -1.95
C VAL B 194 9.00 -38.24 -1.50
N PRO B 195 8.54 -37.23 -0.75
CA PRO B 195 9.43 -36.13 -0.36
C PRO B 195 10.79 -36.62 0.11
N LEU B 196 11.87 -36.16 -0.54
CA LEU B 196 13.19 -36.72 -0.28
C LEU B 196 13.47 -36.73 1.21
N LEU B 197 12.93 -35.75 1.95
CA LEU B 197 13.17 -35.66 3.38
C LEU B 197 12.79 -36.92 4.13
N LEU B 198 11.94 -37.78 3.56
CA LEU B 198 11.50 -39.00 4.22
C LEU B 198 12.34 -40.23 3.87
N TYR B 199 13.13 -40.18 2.80
CA TYR B 199 14.03 -41.28 2.46
C TYR B 199 14.91 -41.65 3.66
N PRO B 200 15.18 -42.94 3.87
CA PRO B 200 16.04 -43.30 5.00
C PRO B 200 17.49 -42.87 4.83
N ILE B 201 17.93 -42.48 3.63
CA ILE B 201 19.27 -41.93 3.42
C ILE B 201 19.13 -40.42 3.17
N VAL B 202 19.64 -39.62 4.09
CA VAL B 202 19.55 -38.17 3.98
C VAL B 202 20.82 -37.52 4.49
N PRO B 203 21.34 -36.49 3.82
CA PRO B 203 22.53 -35.80 4.32
C PRO B 203 22.34 -35.31 5.75
N LEU B 204 23.44 -35.26 6.50
CA LEU B 204 23.38 -34.70 7.86
C LEU B 204 22.86 -33.26 7.90
N PRO B 205 23.37 -32.30 7.11
CA PRO B 205 22.93 -30.90 7.28
C PRO B 205 21.45 -30.69 7.00
N ILE B 206 20.77 -31.73 6.53
CA ILE B 206 19.35 -31.68 6.23
C ILE B 206 18.54 -32.57 7.17
N ILE B 207 19.17 -33.53 7.85
CA ILE B 207 18.61 -34.31 8.95
C ILE B 207 17.75 -33.43 9.84
N SER B 208 18.27 -32.24 10.13
CA SER B 208 17.58 -31.28 10.99
C SER B 208 16.24 -30.88 10.40
N LEU B 209 16.06 -31.03 9.09
CA LEU B 209 14.78 -30.69 8.46
C LEU B 209 13.79 -31.85 8.61
N LYS B 210 14.23 -33.07 8.27
CA LYS B 210 13.51 -34.28 8.64
C LYS B 210 12.91 -34.19 10.03
N ASN B 211 13.72 -33.85 11.03
CA ASN B 211 13.23 -33.85 12.41
C ASN B 211 12.14 -32.80 12.62
N ALA B 212 12.35 -31.60 12.08
CA ALA B 212 11.35 -30.55 12.26
C ALA B 212 10.03 -30.94 11.60
N MET B 213 10.09 -31.39 10.34
CA MET B 213 8.93 -32.01 9.71
C MET B 213 8.29 -33.03 10.64
N LEU B 214 9.08 -34.05 11.02
CA LEU B 214 8.57 -35.11 11.86
C LEU B 214 7.96 -34.55 13.14
N ARG B 215 8.67 -33.65 13.81
CA ARG B 215 8.17 -33.17 15.09
C ARG B 215 6.88 -32.37 14.92
N GLN B 216 6.78 -31.60 13.83
CA GLN B 216 5.56 -30.88 13.54
C GLN B 216 4.38 -31.83 13.39
N GLN B 217 4.61 -33.00 12.78
CA GLN B 217 3.56 -34.01 12.76
C GLN B 217 3.23 -34.49 14.17
N LYS B 218 4.26 -34.61 15.02
CA LYS B 218 4.06 -35.09 16.39
C LYS B 218 3.16 -34.16 17.19
N ASN B 219 3.23 -32.85 16.93
CA ASN B 219 2.45 -31.86 17.65
C ASN B 219 1.16 -31.46 16.92
N LEU B 220 0.83 -32.17 15.84
CA LEU B 220 -0.40 -31.91 15.11
C LEU B 220 -1.61 -31.93 16.02
N SER B 221 -1.55 -32.73 17.10
CA SER B 221 -2.66 -32.86 18.04
C SER B 221 -2.93 -31.58 18.83
N LYS B 222 -2.01 -30.62 18.82
CA LYS B 222 -2.20 -29.33 19.47
C LYS B 222 -2.68 -28.26 18.50
N THR B 223 -3.17 -28.63 17.32
CA THR B 223 -3.48 -27.68 16.26
C THR B 223 -4.89 -27.92 15.74
N PHE B 224 -5.71 -26.85 15.69
CA PHE B 224 -7.15 -27.00 15.43
C PHE B 224 -7.52 -26.80 13.97
N CYS B 225 -6.69 -26.13 13.18
CA CYS B 225 -6.88 -26.02 11.74
C CYS B 225 -5.52 -26.13 11.07
N VAL B 226 -5.42 -27.01 10.06
CA VAL B 226 -4.30 -27.00 9.12
C VAL B 226 -4.77 -26.28 7.86
N LEU B 227 -4.21 -25.08 7.62
CA LEU B 227 -4.41 -24.32 6.38
C LEU B 227 -3.34 -24.70 5.38
N VAL B 228 -3.78 -25.16 4.20
CA VAL B 228 -2.92 -25.69 3.15
C VAL B 228 -3.01 -24.77 1.94
N ASP B 229 -1.86 -24.48 1.34
CA ASP B 229 -1.77 -23.66 0.14
C ASP B 229 -2.12 -24.52 -1.09
N THR B 230 -3.40 -24.63 -1.34
CA THR B 230 -3.87 -25.38 -2.49
C THR B 230 -5.34 -25.03 -2.65
N PHE B 231 -5.95 -25.54 -3.71
CA PHE B 231 -7.38 -25.34 -3.87
C PHE B 231 -8.06 -26.69 -4.05
N GLN B 232 -9.40 -26.67 -3.91
CA GLN B 232 -10.16 -27.89 -3.67
C GLN B 232 -10.18 -28.79 -4.90
N GLN B 233 -10.20 -28.22 -6.10
CA GLN B 233 -10.29 -29.05 -7.30
C GLN B 233 -8.95 -29.73 -7.64
N LEU B 234 -7.82 -29.11 -7.32
CA LEU B 234 -6.52 -29.70 -7.64
C LEU B 234 -6.36 -31.07 -6.97
N GLU B 235 -6.69 -31.17 -5.68
CA GLU B 235 -6.54 -32.37 -4.85
C GLU B 235 -7.83 -32.71 -4.12
N ASP B 236 -8.94 -32.80 -4.87
CA ASP B 236 -10.27 -32.95 -4.31
C ASP B 236 -10.41 -34.21 -3.45
N GLU B 237 -10.33 -35.38 -4.08
CA GLU B 237 -10.70 -36.62 -3.40
C GLU B 237 -9.73 -36.99 -2.28
N LEU B 238 -8.50 -36.47 -2.28
CA LEU B 238 -7.65 -36.71 -1.12
C LEU B 238 -7.98 -35.75 0.02
N ILE B 239 -8.43 -34.55 -0.29
CA ILE B 239 -8.81 -33.64 0.78
C ILE B 239 -10.09 -34.13 1.45
N HIS B 240 -11.03 -34.68 0.67
CA HIS B 240 -12.21 -35.32 1.25
C HIS B 240 -11.82 -36.52 2.11
N TYR B 241 -10.71 -37.20 1.77
CA TYR B 241 -10.21 -38.28 2.61
C TYR B 241 -9.48 -37.74 3.84
N LEU B 242 -8.61 -36.75 3.65
CA LEU B 242 -7.82 -36.21 4.75
C LEU B 242 -8.68 -35.45 5.74
N SER B 243 -9.70 -34.72 5.26
CA SER B 243 -10.53 -33.92 6.16
C SER B 243 -11.14 -34.77 7.28
N LYS B 244 -11.46 -36.04 6.98
CA LYS B 244 -12.09 -36.90 7.98
C LYS B 244 -11.13 -37.35 9.07
N LEU B 245 -9.83 -37.42 8.76
CA LEU B 245 -8.82 -37.77 9.76
C LEU B 245 -8.17 -36.54 10.37
N CYS B 246 -8.15 -35.43 9.64
CA CYS B 246 -7.35 -34.26 9.97
C CYS B 246 -8.00 -32.96 9.47
N PRO B 247 -7.92 -31.87 10.26
CA PRO B 247 -8.62 -30.61 9.90
C PRO B 247 -7.92 -29.78 8.83
N ILE B 248 -7.97 -30.30 7.59
CA ILE B 248 -7.37 -29.66 6.42
C ILE B 248 -8.31 -28.57 5.89
N ARG B 249 -7.73 -27.47 5.39
CA ARG B 249 -8.53 -26.37 4.83
C ARG B 249 -7.86 -25.73 3.62
N PRO B 250 -8.21 -26.13 2.41
CA PRO B 250 -7.57 -25.54 1.21
C PRO B 250 -7.94 -24.07 1.03
N ILE B 251 -6.93 -23.21 1.00
CA ILE B 251 -7.10 -21.78 0.86
C ILE B 251 -6.29 -21.19 -0.29
N GLY B 252 -5.59 -22.00 -1.07
CA GLY B 252 -4.72 -21.49 -2.10
C GLY B 252 -5.39 -21.41 -3.47
N PRO B 253 -4.68 -20.80 -4.45
CA PRO B 253 -3.28 -20.40 -4.33
C PRO B 253 -3.07 -19.06 -3.65
N LEU B 254 -2.19 -19.08 -2.64
CA LEU B 254 -1.97 -17.90 -1.82
C LEU B 254 -1.66 -16.67 -2.67
N PHE B 255 -0.78 -16.82 -3.66
CA PHE B 255 -0.29 -15.64 -4.40
C PHE B 255 -1.41 -14.96 -5.17
N LYS B 256 -2.49 -15.68 -5.49
CA LYS B 256 -3.69 -15.16 -6.12
C LYS B 256 -4.74 -14.72 -5.10
N ILE B 257 -4.59 -15.13 -3.84
CA ILE B 257 -5.52 -14.70 -2.79
C ILE B 257 -5.24 -13.27 -2.40
N SER B 258 -3.97 -12.90 -2.29
CA SER B 258 -3.57 -11.52 -2.10
C SER B 258 -2.16 -11.39 -2.63
N ASP B 259 -1.86 -10.24 -3.22
CA ASP B 259 -0.60 -10.05 -3.91
C ASP B 259 0.56 -9.83 -2.93
N THR B 260 1.77 -10.16 -3.37
CA THR B 260 3.04 -9.90 -2.66
C THR B 260 3.03 -10.30 -1.19
N ALA B 272 13.50 -7.53 -14.86
CA ALA B 272 13.05 -6.14 -14.87
C ALA B 272 12.13 -5.88 -16.05
N ASP B 273 11.77 -4.61 -16.25
CA ASP B 273 11.02 -4.22 -17.44
C ASP B 273 11.74 -4.64 -18.71
N ASP B 274 13.06 -4.79 -18.64
CA ASP B 274 13.84 -5.34 -19.75
C ASP B 274 13.16 -6.57 -20.33
N CYS B 275 12.67 -7.47 -19.47
CA CYS B 275 12.11 -8.73 -19.94
C CYS B 275 10.67 -8.59 -20.44
N ILE B 276 9.80 -7.95 -19.64
CA ILE B 276 8.40 -7.79 -20.04
C ILE B 276 8.30 -7.10 -21.39
N GLU B 277 9.22 -6.17 -21.66
CA GLU B 277 9.27 -5.57 -22.99
C GLU B 277 9.87 -6.53 -24.02
N TRP B 278 10.91 -7.27 -23.64
CA TRP B 278 11.42 -8.34 -24.48
C TRP B 278 10.31 -9.31 -24.87
N LEU B 279 9.59 -9.82 -23.87
CA LEU B 279 8.50 -10.77 -24.13
C LEU B 279 7.45 -10.17 -25.04
N ASP B 280 7.15 -8.87 -24.88
CA ASP B 280 6.18 -8.22 -25.76
C ASP B 280 6.56 -8.41 -27.22
N SER B 281 7.83 -8.21 -27.56
CA SER B 281 8.28 -8.24 -28.93
C SER B 281 8.17 -9.61 -29.61
N LYS B 282 7.89 -10.69 -28.86
CA LYS B 282 7.85 -12.02 -29.45
C LYS B 282 6.41 -12.46 -29.69
N SER B 283 6.26 -13.56 -30.45
CA SER B 283 4.99 -14.13 -30.85
C SER B 283 4.45 -15.07 -29.77
N PRO B 284 3.12 -15.28 -29.72
CA PRO B 284 2.53 -15.95 -28.55
C PRO B 284 2.92 -17.40 -28.46
N SER B 285 3.27 -17.83 -27.24
CA SER B 285 3.57 -19.22 -26.94
C SER B 285 4.83 -19.69 -27.69
N SER B 286 5.89 -18.88 -27.56
CA SER B 286 7.13 -19.10 -28.32
C SER B 286 8.41 -19.11 -27.47
N VAL B 287 8.40 -18.61 -26.24
CA VAL B 287 9.59 -18.55 -25.40
C VAL B 287 9.58 -19.74 -24.43
N VAL B 288 10.66 -20.52 -24.43
CA VAL B 288 10.94 -21.48 -23.36
C VAL B 288 11.46 -20.70 -22.15
N TYR B 289 10.72 -20.73 -21.05
CA TYR B 289 11.10 -19.99 -19.86
C TYR B 289 11.68 -20.94 -18.82
N ILE B 290 12.71 -20.49 -18.10
CA ILE B 290 13.57 -21.36 -17.32
C ILE B 290 13.88 -20.68 -15.98
N SER B 291 13.52 -21.34 -14.87
CA SER B 291 13.90 -20.87 -13.55
C SER B 291 13.93 -22.05 -12.59
N PHE B 292 14.78 -21.94 -11.57
CA PHE B 292 15.00 -23.00 -10.58
C PHE B 292 15.07 -22.39 -9.19
N GLY B 293 14.23 -21.39 -8.94
CA GLY B 293 14.06 -20.83 -7.62
C GLY B 293 15.24 -19.97 -7.19
N SER B 294 15.20 -19.61 -5.91
CA SER B 294 16.21 -18.78 -5.28
C SER B 294 17.23 -19.59 -4.50
N ILE B 295 17.10 -20.92 -4.50
CA ILE B 295 17.88 -21.80 -3.62
C ILE B 295 18.59 -22.91 -4.40
N VAL B 296 17.88 -23.58 -5.32
CA VAL B 296 18.51 -24.60 -6.14
C VAL B 296 19.63 -23.97 -6.96
N HIS B 297 20.80 -24.60 -6.94
CA HIS B 297 21.92 -24.20 -7.78
C HIS B 297 22.47 -25.44 -8.45
N LEU B 298 22.32 -25.52 -9.77
CA LEU B 298 22.64 -26.73 -10.49
C LEU B 298 24.15 -26.89 -10.67
N LYS B 299 24.52 -28.03 -11.26
CA LYS B 299 25.90 -28.40 -11.52
C LYS B 299 26.35 -27.79 -12.84
N GLN B 300 27.53 -27.17 -12.85
CA GLN B 300 28.03 -26.49 -14.05
C GLN B 300 27.97 -27.40 -15.27
N GLU B 301 28.18 -28.70 -15.07
CA GLU B 301 28.00 -29.65 -16.16
C GLU B 301 26.56 -29.68 -16.63
N GLN B 302 25.60 -29.55 -15.70
CA GLN B 302 24.21 -29.56 -16.12
C GLN B 302 23.85 -28.31 -16.89
N ILE B 303 24.40 -27.16 -16.49
CA ILE B 303 24.14 -25.90 -17.18
C ILE B 303 24.62 -25.97 -18.63
N THR B 304 25.85 -26.41 -18.83
CA THR B 304 26.42 -26.54 -20.16
C THR B 304 25.56 -27.41 -21.05
N GLU B 305 24.88 -28.40 -20.48
CA GLU B 305 24.02 -29.26 -21.30
C GLU B 305 22.78 -28.50 -21.76
N ILE B 306 22.09 -27.81 -20.84
CA ILE B 306 20.98 -26.94 -21.20
C ILE B 306 21.42 -25.95 -22.28
N ALA B 307 22.49 -25.20 -22.02
CA ALA B 307 22.89 -24.16 -22.95
C ALA B 307 23.15 -24.71 -24.35
N TYR B 308 23.65 -25.94 -24.45
CA TYR B 308 23.85 -26.50 -25.78
C TYR B 308 22.52 -26.85 -26.41
N ALA B 309 21.56 -27.33 -25.61
CA ALA B 309 20.23 -27.65 -26.11
C ALA B 309 19.52 -26.40 -26.64
N LEU B 310 19.45 -25.35 -25.83
CA LEU B 310 18.71 -24.16 -26.25
C LEU B 310 19.24 -23.65 -27.58
N MET B 311 20.54 -23.77 -27.79
CA MET B 311 21.24 -23.36 -29.00
C MET B 311 21.01 -24.36 -30.14
N ASN B 312 21.13 -25.66 -29.84
CA ASN B 312 20.98 -26.69 -30.87
C ASN B 312 19.61 -26.63 -31.55
N ILE B 313 18.51 -26.50 -30.78
CA ILE B 313 17.19 -26.45 -31.41
C ILE B 313 16.76 -25.02 -31.72
N ASN B 314 17.66 -24.06 -31.51
CA ASN B 314 17.49 -22.68 -32.01
C ASN B 314 16.13 -22.12 -31.59
N ILE B 315 15.72 -22.48 -30.37
CA ILE B 315 14.49 -22.03 -29.79
C ILE B 315 14.71 -20.68 -29.13
N SER B 316 13.62 -19.93 -28.96
CA SER B 316 13.63 -18.70 -28.20
C SER B 316 13.51 -19.05 -26.73
N PHE B 317 14.09 -18.21 -25.87
CA PHE B 317 14.04 -18.53 -24.45
C PHE B 317 14.32 -17.30 -23.61
N LEU B 318 13.95 -17.41 -22.33
CA LEU B 318 14.31 -16.43 -21.31
C LEU B 318 14.81 -17.21 -20.10
N TRP B 319 16.09 -17.09 -19.78
CA TRP B 319 16.73 -17.98 -18.82
C TRP B 319 17.36 -17.15 -17.69
N VAL B 320 16.89 -17.37 -16.47
CA VAL B 320 17.31 -16.56 -15.33
C VAL B 320 18.33 -17.36 -14.54
N MET B 321 19.57 -16.88 -14.54
CA MET B 321 20.70 -17.53 -13.89
C MET B 321 21.16 -16.64 -12.73
N LYS B 322 20.45 -16.73 -11.61
CA LYS B 322 20.79 -15.94 -10.44
C LYS B 322 22.20 -16.30 -9.97
N PRO B 323 22.98 -15.32 -9.53
CA PRO B 323 24.35 -15.61 -9.08
C PRO B 323 24.37 -16.14 -7.66
N PRO B 324 25.43 -16.86 -7.27
CA PRO B 324 25.59 -17.39 -5.91
C PRO B 324 25.65 -16.32 -4.81
N LYS B 331 30.39 -20.68 -7.00
CA LYS B 331 31.10 -20.30 -8.22
C LYS B 331 30.12 -19.85 -9.32
N GLN B 332 30.64 -19.07 -10.27
CA GLN B 332 29.82 -18.55 -11.36
C GLN B 332 29.50 -19.64 -12.38
N HIS B 333 28.34 -19.50 -13.03
CA HIS B 333 27.96 -20.37 -14.14
C HIS B 333 28.54 -19.79 -15.41
N VAL B 334 29.47 -20.51 -16.05
CA VAL B 334 30.01 -20.10 -17.34
C VAL B 334 29.22 -20.80 -18.43
N LEU B 335 28.84 -20.04 -19.45
CA LEU B 335 28.10 -20.47 -20.62
C LEU B 335 29.06 -20.72 -21.77
N PRO B 336 28.64 -21.51 -22.77
CA PRO B 336 29.58 -21.96 -23.79
C PRO B 336 30.21 -20.80 -24.56
N GLN B 337 31.24 -21.11 -25.34
CA GLN B 337 31.97 -20.07 -26.04
C GLN B 337 31.14 -19.59 -27.23
N GLY B 338 31.06 -18.26 -27.36
CA GLY B 338 30.24 -17.67 -28.40
C GLY B 338 28.77 -17.87 -28.20
N PHE B 339 28.34 -18.16 -26.97
CA PHE B 339 26.95 -18.51 -26.73
C PHE B 339 26.05 -17.32 -27.04
N LEU B 340 26.22 -16.23 -26.29
CA LEU B 340 25.24 -15.15 -26.34
C LEU B 340 25.17 -14.52 -27.72
N GLU B 341 26.28 -14.53 -28.47
CA GLU B 341 26.29 -14.10 -29.86
C GLU B 341 25.62 -15.13 -30.76
N LYS B 342 25.89 -16.43 -30.54
CA LYS B 342 25.36 -17.46 -31.43
C LYS B 342 23.84 -17.54 -31.36
N VAL B 343 23.26 -17.54 -30.16
CA VAL B 343 21.82 -17.66 -30.05
C VAL B 343 21.14 -16.37 -30.50
N GLY B 344 21.71 -15.21 -30.11
CA GLY B 344 21.34 -13.94 -30.70
C GLY B 344 20.22 -13.25 -29.92
N GLU B 345 19.20 -12.81 -30.65
CA GLU B 345 18.09 -12.08 -30.04
C GLU B 345 16.98 -13.01 -29.57
N LYS B 346 16.83 -14.16 -30.22
CA LYS B 346 15.98 -15.22 -29.72
C LYS B 346 16.21 -15.47 -28.23
N GLY B 347 17.47 -15.38 -27.78
CA GLY B 347 17.82 -15.80 -26.44
C GLY B 347 18.08 -14.67 -25.45
N LYS B 348 17.97 -14.97 -24.15
CA LYS B 348 18.18 -13.94 -23.15
C LYS B 348 18.48 -14.60 -21.82
N VAL B 349 19.53 -14.12 -21.16
CA VAL B 349 19.96 -14.62 -19.86
C VAL B 349 19.93 -13.46 -18.89
N VAL B 350 19.41 -13.69 -17.68
CA VAL B 350 19.14 -12.62 -16.75
C VAL B 350 19.42 -13.13 -15.34
N LYS B 351 19.64 -12.19 -14.42
CA LYS B 351 19.96 -12.54 -13.03
C LYS B 351 18.76 -12.50 -12.10
N TRP B 352 17.65 -11.87 -12.50
CA TRP B 352 16.42 -11.88 -11.71
C TRP B 352 15.23 -11.71 -12.64
N SER B 353 14.12 -12.33 -12.26
CA SER B 353 12.91 -12.16 -13.04
C SER B 353 11.74 -11.89 -12.10
N PRO B 354 10.77 -11.06 -12.54
CA PRO B 354 9.49 -11.00 -11.83
C PRO B 354 8.67 -12.21 -12.23
N GLN B 355 8.63 -13.24 -11.38
CA GLN B 355 8.23 -14.55 -11.86
C GLN B 355 6.72 -14.64 -12.10
N GLU B 356 5.92 -14.08 -11.21
CA GLU B 356 4.48 -14.16 -11.45
C GLU B 356 4.03 -13.22 -12.56
N GLN B 357 4.79 -12.18 -12.86
CA GLN B 357 4.51 -11.38 -14.05
C GLN B 357 4.77 -12.23 -15.27
N VAL B 358 6.05 -12.50 -15.55
CA VAL B 358 6.53 -13.31 -16.67
C VAL B 358 5.64 -14.51 -16.93
N LEU B 359 5.31 -15.25 -15.87
CA LEU B 359 4.58 -16.51 -16.05
C LEU B 359 3.21 -16.28 -16.65
N SER B 360 2.59 -15.13 -16.41
CA SER B 360 1.33 -14.82 -17.07
C SER B 360 1.53 -14.17 -18.44
N HIS B 361 2.72 -14.29 -19.03
CA HIS B 361 2.92 -13.72 -20.36
C HIS B 361 2.55 -14.72 -21.45
N GLN B 362 1.88 -14.21 -22.49
CA GLN B 362 1.28 -15.05 -23.51
C GLN B 362 2.31 -15.58 -24.48
N SER B 363 3.51 -14.98 -24.49
CA SER B 363 4.58 -15.41 -25.38
C SER B 363 5.31 -16.66 -24.87
N LEU B 364 5.16 -17.02 -23.59
CA LEU B 364 5.85 -18.21 -23.08
C LEU B 364 5.24 -19.46 -23.68
N ALA B 365 6.09 -20.36 -24.17
CA ALA B 365 5.56 -21.62 -24.70
C ALA B 365 5.49 -22.70 -23.62
N CYS B 366 6.50 -22.75 -22.76
CA CYS B 366 6.52 -23.66 -21.64
C CYS B 366 7.37 -23.01 -20.55
N PHE B 367 7.69 -23.82 -19.53
CA PHE B 367 8.45 -23.40 -18.36
C PHE B 367 9.24 -24.60 -17.84
N VAL B 368 10.58 -24.51 -17.85
CA VAL B 368 11.45 -25.49 -17.18
C VAL B 368 11.62 -25.07 -15.73
N THR B 369 11.36 -25.99 -14.81
CA THR B 369 11.36 -25.55 -13.42
C THR B 369 11.87 -26.65 -12.51
N HIS B 370 12.35 -26.24 -11.35
CA HIS B 370 12.73 -27.16 -10.29
C HIS B 370 11.55 -27.75 -9.54
N CYS B 371 10.32 -27.26 -9.74
CA CYS B 371 9.12 -27.93 -9.23
C CYS B 371 8.94 -27.81 -7.70
N GLY B 372 9.41 -26.75 -7.06
CA GLY B 372 8.89 -26.41 -5.74
C GLY B 372 7.38 -26.15 -5.78
N TRP B 373 6.73 -26.20 -4.62
CA TRP B 373 5.25 -26.11 -4.63
C TRP B 373 4.80 -24.77 -5.21
N ASN B 374 5.22 -23.66 -4.58
CA ASN B 374 4.82 -22.33 -5.02
C ASN B 374 4.99 -22.13 -6.52
N SER B 375 6.09 -22.63 -7.10
CA SER B 375 6.28 -22.54 -8.55
C SER B 375 5.30 -23.42 -9.31
N SER B 376 4.91 -24.57 -8.74
CA SER B 376 3.96 -25.45 -9.42
C SER B 376 2.58 -24.78 -9.54
N MET B 377 2.25 -23.93 -8.57
CA MET B 377 0.95 -23.29 -8.58
C MET B 377 0.94 -22.05 -9.46
N GLU B 378 2.02 -21.25 -9.43
CA GLU B 378 2.16 -20.21 -10.45
C GLU B 378 2.07 -20.82 -11.83
N ALA B 379 2.54 -22.06 -11.96
CA ALA B 379 2.46 -22.78 -13.22
C ALA B 379 1.02 -23.16 -13.51
N LEU B 380 0.42 -23.90 -12.59
CA LEU B 380 -0.94 -24.39 -12.76
C LEU B 380 -1.92 -23.24 -12.97
N ALA B 381 -1.80 -22.19 -12.14
CA ALA B 381 -2.72 -21.08 -12.16
C ALA B 381 -2.49 -20.11 -13.32
N ASN B 382 -1.41 -20.25 -14.09
CA ASN B 382 -1.20 -19.43 -15.26
C ASN B 382 -1.31 -20.21 -16.56
N GLY B 383 -1.70 -21.48 -16.49
CA GLY B 383 -2.03 -22.25 -17.67
C GLY B 383 -0.88 -22.55 -18.61
N ILE B 384 0.28 -22.95 -18.06
CA ILE B 384 1.51 -23.09 -18.85
C ILE B 384 2.06 -24.50 -18.69
N ARG B 385 2.48 -25.11 -19.79
CA ARG B 385 3.02 -26.45 -19.75
C ARG B 385 4.36 -26.44 -19.02
N VAL B 386 4.75 -27.60 -18.50
CA VAL B 386 5.94 -27.67 -17.68
C VAL B 386 6.89 -28.72 -18.22
N VAL B 387 8.19 -28.55 -17.91
CA VAL B 387 9.24 -29.54 -18.14
C VAL B 387 9.94 -29.72 -16.80
N THR B 388 9.73 -30.89 -16.17
CA THR B 388 10.14 -31.01 -14.77
C THR B 388 11.62 -31.35 -14.68
N LEU B 389 12.33 -30.56 -13.89
CA LEU B 389 13.70 -30.87 -13.46
C LEU B 389 13.74 -30.86 -11.93
N PRO B 390 13.07 -31.83 -11.28
CA PRO B 390 13.07 -31.90 -9.81
C PRO B 390 14.47 -31.91 -9.23
N GLN B 391 14.64 -31.24 -8.10
CA GLN B 391 15.90 -31.39 -7.40
C GLN B 391 15.74 -32.25 -6.13
N TRP B 392 15.18 -31.70 -5.06
CA TRP B 392 15.12 -32.38 -3.77
C TRP B 392 13.77 -32.12 -3.11
N GLY B 393 13.68 -32.46 -1.82
CA GLY B 393 12.51 -32.12 -1.03
C GLY B 393 11.28 -32.76 -1.60
N ASP B 394 10.17 -32.03 -1.54
CA ASP B 394 8.93 -32.44 -2.17
C ASP B 394 8.86 -32.12 -3.67
N GLN B 395 9.93 -31.53 -4.26
CA GLN B 395 9.91 -31.24 -5.69
C GLN B 395 9.74 -32.49 -6.53
N VAL B 396 10.18 -33.64 -6.00
CA VAL B 396 10.06 -34.89 -6.75
C VAL B 396 8.63 -35.39 -6.73
N THR B 397 7.83 -34.98 -5.74
CA THR B 397 6.43 -35.35 -5.67
C THR B 397 5.58 -34.47 -6.59
N ASN B 398 5.71 -33.15 -6.42
CA ASN B 398 5.14 -32.21 -7.38
C ASN B 398 5.41 -32.66 -8.81
N ALA B 399 6.69 -32.94 -9.12
CA ALA B 399 7.09 -33.38 -10.46
C ALA B 399 6.32 -34.60 -10.91
N LYS B 400 5.97 -35.48 -9.97
CA LYS B 400 5.12 -36.63 -10.30
C LYS B 400 3.74 -36.17 -10.71
N PHE B 401 3.15 -35.29 -9.90
CA PHE B 401 1.76 -34.92 -10.11
C PHE B 401 1.62 -34.07 -11.38
N LEU B 402 2.49 -33.09 -11.56
CA LEU B 402 2.49 -32.29 -12.79
C LEU B 402 2.35 -33.16 -14.04
N VAL B 403 3.33 -34.04 -14.28
CA VAL B 403 3.38 -34.83 -15.51
C VAL B 403 2.22 -35.83 -15.56
N ASP B 404 1.99 -36.56 -14.46
CA ASP B 404 1.19 -37.80 -14.48
C ASP B 404 -0.22 -37.66 -13.92
N VAL B 405 -0.53 -36.59 -13.18
CA VAL B 405 -1.85 -36.43 -12.60
C VAL B 405 -2.57 -35.20 -13.14
N PHE B 406 -1.94 -34.03 -13.00
CA PHE B 406 -2.46 -32.83 -13.61
C PHE B 406 -2.30 -32.86 -15.11
N GLY B 407 -1.31 -33.60 -15.61
CA GLY B 407 -1.15 -33.79 -17.05
C GLY B 407 -0.71 -32.55 -17.80
N VAL B 408 0.02 -31.65 -17.16
CA VAL B 408 0.39 -30.39 -17.79
C VAL B 408 1.86 -30.35 -18.25
N GLY B 409 2.52 -31.48 -18.50
CA GLY B 409 3.87 -31.34 -19.03
C GLY B 409 4.68 -32.62 -19.11
N VAL B 410 5.99 -32.43 -19.12
CA VAL B 410 6.93 -33.51 -19.45
C VAL B 410 8.03 -33.54 -18.40
N ARG B 411 8.58 -34.74 -18.21
CA ARG B 411 9.65 -35.00 -17.26
C ARG B 411 11.02 -34.94 -17.95
N LEU B 412 11.94 -34.19 -17.33
CA LEU B 412 13.34 -34.18 -17.71
C LEU B 412 14.21 -35.02 -16.77
N SER B 413 14.21 -34.71 -15.47
CA SER B 413 15.00 -35.39 -14.44
C SER B 413 14.07 -36.04 -13.41
N ARG B 414 14.65 -36.93 -12.59
CA ARG B 414 13.93 -37.64 -11.54
C ARG B 414 14.25 -37.19 -10.11
N GLY B 415 15.33 -36.43 -9.89
CA GLY B 415 15.65 -35.84 -8.59
C GLY B 415 17.03 -36.24 -8.08
N ASP B 416 17.28 -35.95 -6.80
CA ASP B 416 18.65 -36.03 -6.26
C ASP B 416 19.16 -37.47 -6.20
N LEU B 417 18.26 -38.44 -6.02
CA LEU B 417 18.61 -39.85 -5.92
C LEU B 417 18.90 -40.51 -7.26
N GLU B 418 18.42 -39.97 -8.40
CA GLU B 418 18.90 -40.52 -9.67
C GLU B 418 20.35 -40.12 -9.91
N ASP B 419 20.70 -38.89 -9.56
CA ASP B 419 22.06 -38.34 -9.62
C ASP B 419 22.71 -38.57 -10.98
N ARG B 420 22.02 -38.12 -12.03
CA ARG B 420 22.52 -38.19 -13.38
C ARG B 420 22.37 -36.83 -14.03
N ILE B 421 23.43 -36.37 -14.70
CA ILE B 421 23.37 -35.16 -15.52
C ILE B 421 22.54 -35.47 -16.75
N ILE B 422 21.37 -34.85 -16.87
CA ILE B 422 20.55 -35.16 -18.05
C ILE B 422 21.32 -34.74 -19.31
N PRO B 423 21.36 -35.57 -20.35
CA PRO B 423 22.03 -35.17 -21.60
C PRO B 423 21.20 -34.21 -22.44
N ARG B 424 21.92 -33.41 -23.26
CA ARG B 424 21.30 -32.34 -24.06
C ARG B 424 20.26 -32.89 -25.04
N GLU B 425 20.55 -34.03 -25.66
CA GLU B 425 19.57 -34.69 -26.52
C GLU B 425 18.24 -34.87 -25.79
N GLU B 426 18.29 -35.35 -24.54
CA GLU B 426 17.07 -35.53 -23.76
C GLU B 426 16.36 -34.20 -23.51
N ILE B 427 17.12 -33.14 -23.26
CA ILE B 427 16.54 -31.82 -23.03
C ILE B 427 15.83 -31.33 -24.28
N GLU B 428 16.51 -31.37 -25.43
CA GLU B 428 15.87 -30.96 -26.68
C GLU B 428 14.63 -31.81 -26.96
N LEU B 429 14.71 -33.12 -26.71
CA LEU B 429 13.55 -33.96 -26.98
C LEU B 429 12.33 -33.50 -26.16
N ARG B 430 12.55 -33.06 -24.93
CA ARG B 430 11.43 -32.63 -24.08
C ARG B 430 10.89 -31.29 -24.51
N LEU B 431 11.78 -30.34 -24.79
CA LEU B 431 11.35 -29.06 -25.35
C LEU B 431 10.55 -29.25 -26.64
N LEU B 432 11.00 -30.14 -27.52
CA LEU B 432 10.18 -30.45 -28.68
C LEU B 432 8.85 -31.06 -28.26
N GLU B 433 8.88 -32.01 -27.31
CA GLU B 433 7.70 -32.77 -26.92
C GLU B 433 6.60 -31.89 -26.33
N VAL B 434 6.99 -30.87 -25.56
CA VAL B 434 6.04 -29.99 -24.90
C VAL B 434 5.51 -28.85 -25.79
N THR B 435 6.25 -28.45 -26.85
CA THR B 435 5.88 -27.28 -27.67
C THR B 435 5.28 -27.62 -29.03
N SER B 436 5.70 -28.72 -29.65
CA SER B 436 5.24 -29.03 -30.99
C SER B 436 4.71 -30.44 -31.10
N GLY B 437 5.11 -31.35 -30.21
CA GLY B 437 4.68 -32.72 -30.27
C GLY B 437 3.18 -32.87 -30.07
N GLU B 438 2.75 -34.14 -30.06
CA GLU B 438 1.37 -34.50 -30.39
C GLU B 438 0.41 -34.29 -29.23
N LYS B 439 0.85 -34.51 -28.01
CA LYS B 439 0.04 -34.13 -26.88
C LYS B 439 0.34 -32.70 -26.44
N ALA B 440 1.28 -32.03 -27.10
CA ALA B 440 1.74 -30.72 -26.63
C ALA B 440 0.60 -29.72 -26.54
N THR B 441 -0.43 -29.88 -27.35
CA THR B 441 -1.58 -28.99 -27.22
C THR B 441 -2.66 -29.58 -26.32
N GLU B 442 -2.70 -30.91 -26.16
CA GLU B 442 -3.49 -31.51 -25.09
C GLU B 442 -3.08 -30.97 -23.72
N MET B 443 -1.77 -30.97 -23.42
CA MET B 443 -1.33 -30.54 -22.09
C MET B 443 -1.51 -29.03 -21.90
N LYS B 444 -1.41 -28.27 -22.99
CA LYS B 444 -1.85 -26.88 -22.96
C LYS B 444 -3.32 -26.79 -22.53
N HIS B 445 -4.18 -27.62 -23.14
CA HIS B 445 -5.59 -27.63 -22.76
C HIS B 445 -5.75 -27.96 -21.28
N ASN B 446 -5.02 -28.97 -20.78
CA ASN B 446 -5.04 -29.30 -19.36
C ASN B 446 -4.56 -28.10 -18.53
N ALA B 447 -3.47 -27.46 -18.96
CA ALA B 447 -3.01 -26.25 -18.28
C ALA B 447 -4.14 -25.25 -18.11
N LEU B 448 -4.92 -25.01 -19.18
CA LEU B 448 -5.92 -23.95 -19.18
C LEU B 448 -7.15 -24.34 -18.34
N ARG B 449 -7.60 -25.58 -18.41
CA ARG B 449 -8.61 -26.01 -17.45
C ARG B 449 -8.10 -25.95 -16.01
N TRP B 450 -6.79 -26.06 -15.78
CA TRP B 450 -6.26 -25.84 -14.43
C TRP B 450 -6.15 -24.37 -14.07
N LYS B 451 -5.93 -23.49 -15.06
CA LYS B 451 -5.93 -22.07 -14.75
C LYS B 451 -7.35 -21.56 -14.54
N LYS B 452 -8.32 -22.15 -15.24
CA LYS B 452 -9.74 -21.89 -14.96
C LYS B 452 -10.11 -22.32 -13.54
N ALA B 453 -9.53 -23.42 -13.05
CA ALA B 453 -9.90 -23.92 -11.72
C ALA B 453 -9.30 -23.05 -10.60
N ALA B 454 -8.04 -22.64 -10.74
CA ALA B 454 -7.46 -21.73 -9.77
C ALA B 454 -8.24 -20.41 -9.70
N GLU B 455 -8.69 -19.89 -10.85
CA GLU B 455 -9.47 -18.65 -10.82
C GLU B 455 -10.81 -18.84 -10.11
N GLU B 456 -11.56 -19.89 -10.46
CA GLU B 456 -12.82 -20.19 -9.76
C GLU B 456 -12.61 -20.35 -8.25
N ALA B 457 -11.56 -21.06 -7.85
CA ALA B 457 -11.29 -21.26 -6.42
C ALA B 457 -11.14 -19.94 -5.69
N VAL B 458 -10.45 -18.98 -6.31
CA VAL B 458 -10.06 -17.79 -5.59
C VAL B 458 -11.03 -16.66 -5.78
N ALA B 459 -12.04 -16.84 -6.65
CA ALA B 459 -13.21 -15.97 -6.72
C ALA B 459 -13.85 -15.78 -5.36
N LYS B 460 -14.62 -14.69 -5.19
CA LYS B 460 -15.08 -14.30 -3.86
C LYS B 460 -16.03 -15.31 -3.23
N ASP B 461 -16.72 -16.14 -4.03
CA ASP B 461 -17.58 -17.20 -3.51
C ASP B 461 -17.02 -18.59 -3.80
N GLY B 462 -15.68 -18.67 -4.01
CA GLY B 462 -15.03 -19.91 -4.36
C GLY B 462 -14.49 -20.66 -3.17
N SER B 463 -14.18 -21.93 -3.40
CA SER B 463 -13.79 -22.87 -2.35
C SER B 463 -12.66 -22.35 -1.48
N SER B 464 -11.71 -21.61 -2.06
CA SER B 464 -10.63 -21.08 -1.23
C SER B 464 -11.13 -19.93 -0.37
N SER B 465 -11.61 -18.86 -1.02
CA SER B 465 -12.03 -17.68 -0.28
C SER B 465 -12.97 -18.02 0.85
N LYS B 466 -13.87 -18.99 0.64
CA LYS B 466 -14.81 -19.36 1.70
C LYS B 466 -14.11 -20.11 2.83
N ASN B 467 -13.20 -21.03 2.50
CA ASN B 467 -12.46 -21.72 3.54
C ASN B 467 -11.71 -20.72 4.43
N LEU B 468 -11.16 -19.67 3.85
CA LEU B 468 -10.41 -18.69 4.65
C LEU B 468 -11.32 -17.81 5.49
N GLN B 469 -12.51 -17.49 4.98
CA GLN B 469 -13.46 -16.69 5.75
C GLN B 469 -14.07 -17.52 6.88
N GLU B 470 -14.29 -18.82 6.63
CA GLU B 470 -14.73 -19.71 7.70
C GLU B 470 -13.71 -19.79 8.82
N PHE B 471 -12.45 -20.03 8.47
CA PHE B 471 -11.36 -20.06 9.45
C PHE B 471 -11.38 -18.82 10.33
N VAL B 472 -11.51 -17.65 9.71
CA VAL B 472 -11.75 -16.42 10.46
C VAL B 472 -13.01 -16.56 11.32
N ASP B 473 -14.05 -17.22 10.79
CA ASP B 473 -15.32 -17.34 11.51
C ASP B 473 -15.21 -18.30 12.70
N GLU B 474 -14.36 -19.32 12.63
CA GLU B 474 -14.06 -20.10 13.82
C GLU B 474 -13.34 -19.24 14.84
N LEU B 475 -12.41 -18.40 14.36
CA LEU B 475 -11.63 -17.54 15.24
C LEU B 475 -12.52 -16.56 15.97
N ASN B 476 -13.43 -15.91 15.25
CA ASN B 476 -14.33 -14.95 15.87
C ASN B 476 -15.20 -15.63 16.90
N ASN B 477 -15.62 -16.87 16.64
CA ASN B 477 -16.42 -17.61 17.62
C ASN B 477 -15.61 -18.07 18.82
N PHE B 478 -14.32 -17.76 18.88
CA PHE B 478 -13.52 -18.10 20.06
C PHE B 478 -13.92 -17.26 21.27
N ARG B 479 -14.64 -16.16 21.07
CA ARG B 479 -14.96 -15.24 22.17
C ARG B 479 -16.33 -15.52 22.79
C1 LU2 C . -1.01 23.26 -6.50
O1 LU2 C . -3.27 22.71 -5.74
C2 LU2 C . -2.32 23.67 -6.11
O2 LU2 C . -2.15 27.31 -6.43
C3 LU2 C . -2.71 25.02 -6.09
O3 LU2 C . 0.24 27.90 -7.20
C4 LU2 C . -1.77 25.98 -6.45
O4 LU2 C . 1.14 23.89 -7.20
C5 LU2 C . -0.46 25.66 -6.85
O5 LU2 C . 5.25 21.50 -8.93
C6 LU2 C . -0.11 24.29 -6.86
O6 LU2 C . 7.33 23.35 -8.41
C7 LU2 C . 0.49 26.69 -7.21
C8 LU2 C . 1.81 26.22 -7.54
C9 LU2 C . 2.05 24.88 -7.53
C10 LU2 C . 3.37 24.40 -7.82
C11 LU2 C . 3.64 23.11 -8.26
C12 LU2 C . 4.98 22.76 -8.47
C13 LU2 C . 6.02 23.69 -8.21
C14 LU2 C . 5.73 24.96 -7.75
C15 LU2 C . 4.40 25.30 -7.56
S SO4 D . -2.38 21.05 3.08
O1 SO4 D . -1.07 21.71 3.12
O2 SO4 D . -3.11 21.41 4.28
O3 SO4 D . -3.12 21.48 1.88
O4 SO4 D . -2.17 19.60 3.02
C1 LU2 E . 15.44 -25.82 2.04
O1 LU2 E . 13.58 -24.53 2.86
C2 LU2 E . 14.14 -25.76 2.56
O2 LU2 E . 13.17 -29.28 2.73
C3 LU2 E . 13.37 -26.90 2.79
O3 LU2 E . 15.12 -30.62 1.82
C4 LU2 E . 13.93 -28.15 2.49
O4 LU2 E . 17.20 -27.15 1.24
C5 LU2 E . 15.23 -28.29 2.00
O5 LU2 E . 22.00 -26.24 0.07
C6 LU2 E . 15.97 -27.11 1.77
O6 LU2 E . 22.61 -28.27 -1.76
C7 LU2 E . 15.75 -29.57 1.66
C8 LU2 E . 17.06 -29.55 1.02
C9 LU2 E . 17.69 -28.36 0.84
C10 LU2 E . 19.00 -28.27 0.22
C11 LU2 E . 19.88 -27.25 0.49
C12 LU2 E . 21.10 -27.25 -0.18
C13 LU2 E . 21.40 -28.27 -1.12
C14 LU2 E . 20.50 -29.29 -1.38
C15 LU2 E . 19.31 -29.27 -0.71
S SO4 F . 9.30 -22.31 -4.63
O1 SO4 F . 9.75 -20.93 -4.39
O2 SO4 F . 8.38 -22.70 -3.54
O3 SO4 F . 8.65 -22.35 -5.93
O4 SO4 F . 10.40 -23.28 -4.63
#